data_2C3D
#
_entry.id   2C3D
#
_cell.length_a   87.790
_cell.length_b   60.050
_cell.length_c   105.630
_cell.angle_alpha   90.00
_cell.angle_beta   99.91
_cell.angle_gamma   90.00
#
_symmetry.space_group_name_H-M   'P 1 21 1'
#
loop_
_entity.id
_entity.type
_entity.pdbx_description
1 polymer '2-OXOPROPYL-COM REDUCTASE'
2 non-polymer 'FLAVIN-ADENINE DINUCLEOTIDE'
3 non-polymer '1-THIOETHANESULFONIC ACID'
4 water water
#
_entity_poly.entity_id   1
_entity_poly.type   'polypeptide(L)'
_entity_poly.pdbx_seq_one_letter_code
;MKVWNARNDHLTINQWATRIDEILEAPDGGEVIYNVDENDPREYDAIFIGGGAAGRFGSAYLRAMGGRQLIVDRWPFLGG
SCPHNACVPHHLFSDCAAELMLARTFSGQYWFPDMTEKVVGIKEVVDLFRAGRNGPHGIMNFQSKEQLNLEYILNCPAKV
IDNHTVEAAGKVFKAKNLILAVGAGPGTLDVPGVNAKGVFDHATLVEELDYEPGSTVVVVGGSKTAVEYGCFFNATGRRT
VMLVRTEPLKLIKDNETRAYVLDRMKEQGMEIISGSNVTRIEEDANGRVQAVVAMTPNGEMRIETDFVFLGLGEQPRSAE
LAKILGLDLGPKGEVLVNEYLQTSVPNVYAVGDLIGGPMEMFKARKSGCYAARNVMGEKISYTPKNYPDFLHTHYEVSFL
GMGEEEARAAGHEIVTIKMPPDTENGLNVALPASDRTMLYAFGKGTAHMSGFQKIVIDAKTRKVLGAHHVGYGAKDAFQY
LNVLIKQGLTVDELGDMDELFLNPTHFIQLSRLRAGSKNLVSL
;
_entity_poly.pdbx_strand_id   A,B
#
loop_
_chem_comp.id
_chem_comp.type
_chem_comp.name
_chem_comp.formula
COM non-polymer '1-THIOETHANESULFONIC ACID' 'C2 H6 O3 S2'
FAD non-polymer 'FLAVIN-ADENINE DINUCLEOTIDE' 'C27 H33 N9 O15 P2'
#
# COMPACT_ATOMS: atom_id res chain seq x y z
N LYS A 2 39.52 19.54 16.46
CA LYS A 2 38.06 19.81 16.60
C LYS A 2 37.40 20.02 15.24
N VAL A 3 38.22 20.22 14.21
CA VAL A 3 37.70 20.41 12.86
C VAL A 3 38.26 19.36 11.89
N TRP A 4 37.39 18.47 11.44
CA TRP A 4 37.77 17.40 10.52
C TRP A 4 37.46 17.76 9.06
N ASN A 5 38.52 17.95 8.27
CA ASN A 5 38.35 18.27 6.86
C ASN A 5 38.07 16.98 6.10
N ALA A 6 36.79 16.68 5.90
CA ALA A 6 36.37 15.45 5.22
C ALA A 6 36.26 15.55 3.71
N ARG A 7 36.45 16.75 3.16
CA ARG A 7 36.32 16.98 1.73
C ARG A 7 36.93 15.90 0.83
N ASN A 8 38.19 15.57 1.06
CA ASN A 8 38.86 14.56 0.24
C ASN A 8 38.71 13.14 0.77
N ASP A 9 37.91 12.97 1.81
CA ASP A 9 37.68 11.65 2.35
C ASP A 9 36.43 11.09 1.69
N HIS A 10 36.39 9.78 1.49
CA HIS A 10 35.25 9.13 0.86
C HIS A 10 34.79 7.93 1.65
N LEU A 11 33.88 8.16 2.60
CA LEU A 11 33.37 7.09 3.43
C LEU A 11 32.18 6.40 2.77
N THR A 12 31.99 5.13 3.10
CA THR A 12 30.87 4.39 2.55
C THR A 12 29.66 4.76 3.41
N ILE A 13 28.50 4.27 3.02
CA ILE A 13 27.29 4.54 3.78
C ILE A 13 27.42 4.01 5.20
N ASN A 14 27.94 2.79 5.33
CA ASN A 14 28.11 2.17 6.63
C ASN A 14 29.23 2.80 7.44
N GLN A 15 30.25 3.33 6.76
CA GLN A 15 31.35 3.98 7.47
C GLN A 15 30.84 5.31 8.01
N TRP A 16 30.00 5.98 7.22
CA TRP A 16 29.42 7.24 7.64
C TRP A 16 28.53 6.99 8.86
N ALA A 17 27.74 5.93 8.79
CA ALA A 17 26.85 5.57 9.88
C ALA A 17 27.65 5.45 11.18
N THR A 18 28.75 4.71 11.11
CA THR A 18 29.62 4.50 12.27
C THR A 18 30.23 5.80 12.78
N ARG A 19 30.80 6.59 11.87
CA ARG A 19 31.42 7.85 12.24
C ARG A 19 30.43 8.80 12.93
N ILE A 20 29.21 8.87 12.40
CA ILE A 20 28.19 9.74 12.95
C ILE A 20 27.80 9.32 14.35
N ASP A 21 27.64 8.01 14.56
CA ASP A 21 27.29 7.49 15.87
C ASP A 21 28.39 7.88 16.86
N GLU A 22 29.64 7.75 16.45
CA GLU A 22 30.76 8.07 17.32
C GLU A 22 30.76 9.55 17.71
N ILE A 23 30.47 10.42 16.75
CA ILE A 23 30.44 11.84 17.01
C ILE A 23 29.29 12.18 17.94
N LEU A 24 28.16 11.50 17.76
CA LEU A 24 26.98 11.71 18.59
C LEU A 24 27.21 11.26 20.03
N GLU A 25 28.02 10.21 20.20
CA GLU A 25 28.30 9.68 21.53
C GLU A 25 29.53 10.35 22.14
N ALA A 26 30.28 11.09 21.32
CA ALA A 26 31.48 11.77 21.79
C ALA A 26 31.16 12.68 22.96
N PRO A 27 31.76 12.40 24.14
CA PRO A 27 31.53 13.20 25.34
C PRO A 27 31.94 14.66 25.19
N ASP A 28 33.02 14.91 24.46
CA ASP A 28 33.51 16.27 24.26
C ASP A 28 32.68 17.04 23.23
N GLY A 29 31.74 16.34 22.60
CA GLY A 29 30.90 16.98 21.60
C GLY A 29 31.19 16.53 20.18
N GLY A 30 32.40 16.05 19.95
CA GLY A 30 32.76 15.58 18.63
C GLY A 30 33.37 16.65 17.74
N GLU A 31 34.01 16.22 16.66
CA GLU A 31 34.65 17.13 15.73
C GLU A 31 33.66 17.73 14.74
N VAL A 32 34.07 18.84 14.13
CA VAL A 32 33.25 19.52 13.14
C VAL A 32 33.48 18.81 11.81
N ILE A 33 32.40 18.54 11.08
CA ILE A 33 32.52 17.89 9.78
C ILE A 33 32.54 18.98 8.72
N TYR A 34 33.74 19.27 8.24
CA TYR A 34 33.98 20.33 7.25
C TYR A 34 34.13 19.75 5.84
N ASN A 35 33.14 20.00 5.00
CA ASN A 35 33.13 19.50 3.62
C ASN A 35 32.95 20.68 2.67
N VAL A 36 34.02 21.45 2.49
CA VAL A 36 34.00 22.62 1.63
C VAL A 36 35.05 22.50 0.53
N ASP A 37 34.71 22.94 -0.68
CA ASP A 37 35.64 22.90 -1.80
C ASP A 37 36.38 24.24 -1.81
N GLU A 38 37.57 24.25 -1.24
CA GLU A 38 38.35 25.47 -1.16
C GLU A 38 39.05 25.87 -2.45
N ASN A 39 38.93 25.04 -3.48
CA ASN A 39 39.53 25.34 -4.77
C ASN A 39 38.54 26.05 -5.70
N ASP A 40 37.25 25.93 -5.38
CA ASP A 40 36.20 26.57 -6.18
C ASP A 40 36.23 28.07 -5.89
N PRO A 41 36.50 28.89 -6.92
CA PRO A 41 36.57 30.34 -6.79
C PRO A 41 35.22 31.06 -6.77
N ARG A 42 34.16 30.38 -7.18
CA ARG A 42 32.83 30.98 -7.24
C ARG A 42 32.27 31.42 -5.89
N GLU A 43 31.44 32.45 -5.93
CA GLU A 43 30.80 32.96 -4.72
C GLU A 43 29.55 32.11 -4.46
N TYR A 44 29.17 31.99 -3.20
CA TYR A 44 27.99 31.22 -2.83
C TYR A 44 26.71 31.93 -3.23
N ASP A 45 25.84 31.25 -3.98
CA ASP A 45 24.57 31.84 -4.37
C ASP A 45 23.70 31.88 -3.13
N ALA A 46 23.82 30.86 -2.29
CA ALA A 46 23.06 30.80 -1.05
C ALA A 46 23.71 29.94 0.03
N ILE A 47 23.53 30.36 1.27
CA ILE A 47 24.01 29.60 2.41
C ILE A 47 22.75 29.19 3.13
N PHE A 48 22.59 27.89 3.34
CA PHE A 48 21.41 27.36 4.02
C PHE A 48 21.68 27.19 5.51
N ILE A 49 20.85 27.81 6.34
CA ILE A 49 20.99 27.68 7.77
C ILE A 49 20.07 26.51 8.13
N GLY A 50 20.68 25.34 8.28
CA GLY A 50 19.92 24.14 8.60
C GLY A 50 19.97 23.22 7.39
N GLY A 51 20.24 21.95 7.62
CA GLY A 51 20.33 21.00 6.53
C GLY A 51 19.33 19.87 6.62
N GLY A 52 18.12 20.18 7.08
CA GLY A 52 17.08 19.17 7.19
C GLY A 52 16.39 18.96 5.85
N ALA A 53 15.13 18.54 5.89
CA ALA A 53 14.37 18.32 4.66
C ALA A 53 14.42 19.51 3.71
N ALA A 54 14.07 20.68 4.21
CA ALA A 54 14.05 21.89 3.39
C ALA A 54 15.43 22.31 2.93
N GLY A 55 16.39 22.35 3.85
CA GLY A 55 17.74 22.75 3.50
C GLY A 55 18.50 21.80 2.59
N ARG A 56 18.32 20.50 2.81
CA ARG A 56 19.02 19.51 2.01
C ARG A 56 18.48 19.45 0.59
N PHE A 57 17.16 19.47 0.46
CA PHE A 57 16.53 19.43 -0.86
C PHE A 57 16.76 20.74 -1.62
N GLY A 58 16.67 21.87 -0.92
CA GLY A 58 16.90 23.14 -1.57
C GLY A 58 18.32 23.19 -2.12
N SER A 59 19.28 22.70 -1.32
CA SER A 59 20.67 22.68 -1.77
C SER A 59 20.84 21.74 -2.95
N ALA A 60 20.20 20.58 -2.87
CA ALA A 60 20.27 19.60 -3.96
C ALA A 60 19.80 20.21 -5.27
N TYR A 61 18.66 20.89 -5.21
CA TYR A 61 18.08 21.49 -6.41
C TYR A 61 18.92 22.65 -6.91
N LEU A 62 19.43 23.47 -6.00
CA LEU A 62 20.24 24.63 -6.37
C LEU A 62 21.53 24.18 -7.05
N ARG A 63 22.17 23.16 -6.49
CA ARG A 63 23.40 22.61 -7.03
C ARG A 63 23.08 22.01 -8.39
N ALA A 64 21.96 21.31 -8.49
CA ALA A 64 21.56 20.68 -9.74
C ALA A 64 21.39 21.71 -10.85
N MET A 65 20.93 22.91 -10.49
CA MET A 65 20.75 23.98 -11.47
C MET A 65 22.07 24.64 -11.84
N GLY A 66 23.16 24.20 -11.22
CA GLY A 66 24.47 24.77 -11.51
C GLY A 66 24.95 25.90 -10.60
N GLY A 67 24.27 26.11 -9.49
CA GLY A 67 24.67 27.17 -8.58
C GLY A 67 25.53 26.64 -7.43
N ARG A 68 26.08 27.53 -6.61
CA ARG A 68 26.90 27.11 -5.48
C ARG A 68 26.20 27.33 -4.15
N GLN A 69 26.21 26.30 -3.31
CA GLN A 69 25.58 26.38 -2.00
C GLN A 69 26.46 25.85 -0.88
N LEU A 70 26.04 26.16 0.35
CA LEU A 70 26.73 25.72 1.55
C LEU A 70 25.68 25.50 2.62
N ILE A 71 25.72 24.34 3.24
CA ILE A 71 24.80 24.01 4.33
C ILE A 71 25.57 24.03 5.63
N VAL A 72 24.93 24.55 6.68
CA VAL A 72 25.53 24.58 8.01
C VAL A 72 24.47 24.00 8.94
N ASP A 73 24.81 22.93 9.65
CA ASP A 73 23.86 22.30 10.56
C ASP A 73 24.55 21.90 11.86
N ARG A 74 23.86 22.14 12.98
CA ARG A 74 24.43 21.82 14.29
C ARG A 74 24.51 20.32 14.57
N TRP A 75 23.83 19.51 13.75
CA TRP A 75 23.88 18.06 13.90
C TRP A 75 24.95 17.50 12.96
N PRO A 76 25.56 16.35 13.33
CA PRO A 76 26.60 15.68 12.56
C PRO A 76 26.08 14.89 11.35
N PHE A 77 24.81 15.08 11.02
CA PHE A 77 24.19 14.39 9.91
C PHE A 77 23.21 15.34 9.22
N LEU A 78 22.85 15.01 7.99
CA LEU A 78 21.89 15.79 7.20
C LEU A 78 20.55 15.05 7.26
N GLY A 79 19.46 15.74 6.93
CA GLY A 79 18.16 15.09 6.96
C GLY A 79 17.24 15.67 8.02
N GLY A 80 17.82 16.34 9.01
CA GLY A 80 17.01 16.96 10.04
C GLY A 80 16.31 16.03 11.02
N SER A 81 15.20 16.53 11.56
CA SER A 81 14.42 15.79 12.54
C SER A 81 13.83 14.48 12.03
N CYS A 82 13.49 14.44 10.75
CA CYS A 82 12.88 13.25 10.17
C CYS A 82 13.54 11.92 10.56
N PRO A 83 14.82 11.74 10.22
CA PRO A 83 15.47 10.48 10.59
C PRO A 83 15.88 10.37 12.06
N HIS A 84 16.08 11.49 12.72
CA HIS A 84 16.52 11.47 14.11
C HIS A 84 15.45 11.33 15.20
N ASN A 85 14.31 12.00 15.02
CA ASN A 85 13.26 11.93 16.04
C ASN A 85 11.84 12.25 15.55
N ALA A 86 11.63 12.27 14.24
CA ALA A 86 10.31 12.60 13.72
C ALA A 86 9.63 11.51 12.88
N CYS A 87 9.53 11.74 11.57
CA CYS A 87 8.87 10.81 10.65
C CYS A 87 9.32 9.36 10.74
N VAL A 88 10.63 9.13 10.72
CA VAL A 88 11.16 7.79 10.75
C VAL A 88 10.77 7.00 12.00
N PRO A 89 11.12 7.48 13.20
CA PRO A 89 10.74 6.72 14.39
C PRO A 89 9.23 6.52 14.48
N HIS A 90 8.49 7.54 14.06
CA HIS A 90 7.04 7.49 14.07
C HIS A 90 6.50 6.32 13.23
N HIS A 91 7.10 6.10 12.06
CA HIS A 91 6.65 5.00 11.21
C HIS A 91 7.06 3.65 11.77
N LEU A 92 8.18 3.60 12.48
CA LEU A 92 8.61 2.34 13.09
C LEU A 92 7.54 1.97 14.12
N PHE A 93 7.17 2.95 14.94
CA PHE A 93 6.16 2.73 15.99
C PHE A 93 4.79 2.35 15.42
N SER A 94 4.40 2.98 14.32
CA SER A 94 3.12 2.68 13.69
C SER A 94 3.08 1.26 13.14
N ASP A 95 4.21 0.81 12.61
CA ASP A 95 4.31 -0.56 12.10
C ASP A 95 4.02 -1.52 13.25
N CYS A 96 4.64 -1.24 14.40
CA CYS A 96 4.44 -2.07 15.58
C CYS A 96 2.98 -2.06 16.02
N ALA A 97 2.37 -0.87 15.99
CA ALA A 97 0.98 -0.73 16.38
C ALA A 97 0.06 -1.59 15.51
N ALA A 98 0.29 -1.59 14.20
CA ALA A 98 -0.54 -2.39 13.29
C ALA A 98 -0.33 -3.88 13.50
N GLU A 99 0.93 -4.29 13.66
CA GLU A 99 1.26 -5.69 13.87
C GLU A 99 0.72 -6.21 15.20
N LEU A 100 0.78 -5.37 16.23
CA LEU A 100 0.30 -5.75 17.54
C LEU A 100 -1.22 -5.91 17.56
N MET A 101 -1.93 -5.04 16.85
CA MET A 101 -3.39 -5.15 16.81
C MET A 101 -3.73 -6.50 16.17
N LEU A 102 -3.02 -6.85 15.10
CA LEU A 102 -3.27 -8.13 14.44
C LEU A 102 -3.02 -9.29 15.42
N ALA A 103 -1.87 -9.26 16.08
CA ALA A 103 -1.51 -10.30 17.05
C ALA A 103 -2.50 -10.41 18.20
N ARG A 104 -3.00 -9.28 18.70
CA ARG A 104 -3.95 -9.32 19.80
C ARG A 104 -5.31 -9.83 19.34
N THR A 105 -5.71 -9.46 18.12
CA THR A 105 -7.00 -9.90 17.59
C THR A 105 -7.04 -11.42 17.39
N PHE A 106 -5.94 -12.00 16.93
CA PHE A 106 -5.91 -13.45 16.72
C PHE A 106 -5.01 -14.15 17.73
N SER A 107 -4.94 -13.57 18.92
CA SER A 107 -4.13 -14.10 20.01
C SER A 107 -4.28 -15.61 20.17
N GLY A 108 -3.15 -16.32 20.12
CA GLY A 108 -3.17 -17.77 20.28
C GLY A 108 -3.43 -18.56 19.01
N GLN A 109 -4.39 -18.10 18.21
CA GLN A 109 -4.76 -18.76 16.97
C GLN A 109 -3.59 -18.87 15.98
N TYR A 110 -3.61 -19.95 15.21
CA TYR A 110 -2.58 -20.22 14.21
C TYR A 110 -1.17 -20.05 14.78
N TRP A 111 -0.37 -19.19 14.15
CA TRP A 111 0.99 -18.99 14.62
C TRP A 111 1.12 -17.84 15.63
N PHE A 112 0.02 -17.16 15.90
CA PHE A 112 0.06 -16.04 16.85
C PHE A 112 0.12 -16.50 18.30
N PRO A 113 1.05 -15.94 19.08
CA PRO A 113 1.20 -16.29 20.48
C PRO A 113 0.07 -15.68 21.31
N ASP A 114 -0.03 -16.09 22.57
CA ASP A 114 -1.07 -15.57 23.46
C ASP A 114 -0.68 -14.17 23.91
N MET A 115 -1.52 -13.18 23.60
CA MET A 115 -1.25 -11.79 23.97
C MET A 115 -1.95 -11.36 25.25
N THR A 116 -2.84 -12.19 25.77
CA THR A 116 -3.56 -11.86 26.98
C THR A 116 -2.56 -11.63 28.12
N GLU A 117 -2.67 -10.48 28.76
CA GLU A 117 -1.77 -10.13 29.86
C GLU A 117 -0.34 -9.98 29.35
N LYS A 118 -0.19 -9.67 28.07
CA LYS A 118 1.13 -9.50 27.47
C LYS A 118 1.41 -8.02 27.22
N VAL A 119 2.43 -7.50 27.90
CA VAL A 119 2.82 -6.10 27.76
C VAL A 119 4.13 -6.02 27.00
N VAL A 120 4.13 -5.28 25.90
CA VAL A 120 5.33 -5.10 25.08
C VAL A 120 6.18 -3.98 25.65
N GLY A 121 7.49 -4.18 25.67
CA GLY A 121 8.39 -3.17 26.19
C GLY A 121 8.57 -1.98 25.28
N ILE A 122 8.16 -0.81 25.76
CA ILE A 122 8.29 0.42 24.99
C ILE A 122 9.78 0.78 24.81
N LYS A 123 10.52 0.75 25.90
CA LYS A 123 11.94 1.09 25.86
C LYS A 123 12.68 0.18 24.88
N GLU A 124 12.25 -1.07 24.77
CA GLU A 124 12.87 -2.03 23.86
C GLU A 124 12.80 -1.51 22.43
N VAL A 125 11.61 -1.06 22.04
CA VAL A 125 11.39 -0.54 20.69
C VAL A 125 12.15 0.77 20.46
N VAL A 126 12.14 1.66 21.44
CA VAL A 126 12.86 2.93 21.30
C VAL A 126 14.35 2.63 21.17
N ASP A 127 14.82 1.66 21.94
CA ASP A 127 16.22 1.27 21.89
C ASP A 127 16.54 0.73 20.50
N LEU A 128 15.59 0.01 19.91
CA LEU A 128 15.77 -0.52 18.57
C LEU A 128 15.96 0.65 17.62
N PHE A 129 15.15 1.69 17.77
CA PHE A 129 15.27 2.87 16.92
C PHE A 129 16.62 3.56 17.08
N ARG A 130 17.02 3.80 18.33
CA ARG A 130 18.29 4.46 18.63
C ARG A 130 19.45 3.66 18.05
N ALA A 131 19.36 2.34 18.13
CA ALA A 131 20.41 1.47 17.62
C ALA A 131 20.55 1.49 16.10
N GLY A 132 19.46 1.78 15.40
CA GLY A 132 19.55 1.78 13.95
C GLY A 132 19.35 3.09 13.22
N ARG A 133 19.07 4.18 13.92
CA ARG A 133 18.83 5.45 13.25
C ARG A 133 20.02 6.00 12.49
N ASN A 134 21.22 5.51 12.81
CA ASN A 134 22.43 5.97 12.14
C ASN A 134 22.50 5.45 10.70
N GLY A 135 21.74 4.40 10.40
CA GLY A 135 21.73 3.86 9.04
C GLY A 135 21.26 4.95 8.08
N PRO A 136 20.06 5.50 8.31
CA PRO A 136 19.54 6.55 7.42
C PRO A 136 20.48 7.76 7.42
N HIS A 137 21.04 8.09 8.58
CA HIS A 137 21.97 9.22 8.72
C HIS A 137 23.14 9.05 7.77
N GLY A 138 23.69 7.84 7.76
CA GLY A 138 24.83 7.55 6.91
C GLY A 138 24.52 7.71 5.44
N ILE A 139 23.33 7.28 5.02
CA ILE A 139 22.96 7.40 3.62
C ILE A 139 22.85 8.87 3.25
N MET A 140 22.27 9.66 4.15
CA MET A 140 22.10 11.09 3.92
C MET A 140 23.44 11.80 3.70
N ASN A 141 24.40 11.57 4.59
CA ASN A 141 25.70 12.22 4.42
C ASN A 141 26.38 11.73 3.15
N PHE A 142 26.26 10.44 2.89
CA PHE A 142 26.86 9.85 1.70
C PHE A 142 26.24 10.36 0.41
N GLN A 143 24.91 10.22 0.31
CA GLN A 143 24.18 10.66 -0.87
C GLN A 143 24.44 12.15 -1.14
N SER A 144 24.36 12.95 -0.07
CA SER A 144 24.58 14.39 -0.18
C SER A 144 25.95 14.75 -0.73
N LYS A 145 26.99 14.11 -0.20
CA LYS A 145 28.35 14.40 -0.61
C LYS A 145 28.78 13.74 -1.91
N GLU A 146 28.57 12.44 -2.02
CA GLU A 146 28.99 11.70 -3.21
C GLU A 146 28.05 11.73 -4.41
N GLN A 147 26.75 11.84 -4.17
CA GLN A 147 25.80 11.83 -5.28
C GLN A 147 25.20 13.18 -5.65
N LEU A 148 25.00 14.06 -4.68
CA LEU A 148 24.41 15.36 -4.94
C LEU A 148 25.44 16.49 -5.03
N ASN A 149 26.71 16.18 -4.76
CA ASN A 149 27.79 17.15 -4.82
C ASN A 149 27.54 18.37 -3.96
N LEU A 150 27.05 18.17 -2.75
CA LEU A 150 26.79 19.31 -1.88
C LEU A 150 27.96 19.64 -0.97
N GLU A 151 28.05 20.91 -0.60
CA GLU A 151 29.07 21.40 0.32
C GLU A 151 28.35 21.60 1.64
N TYR A 152 28.99 21.20 2.74
CA TYR A 152 28.35 21.35 4.03
C TYR A 152 29.31 21.28 5.22
N ILE A 153 28.89 21.90 6.32
CA ILE A 153 29.64 21.91 7.56
C ILE A 153 28.63 21.44 8.60
N LEU A 154 28.89 20.26 9.16
CA LEU A 154 27.99 19.65 10.14
C LEU A 154 28.58 19.65 11.55
N ASN A 155 27.70 19.43 12.52
CA ASN A 155 28.06 19.40 13.94
C ASN A 155 28.63 20.75 14.33
N CYS A 156 28.01 21.80 13.81
CA CYS A 156 28.44 23.16 14.07
C CYS A 156 27.29 24.15 13.98
N PRO A 157 26.94 24.81 15.09
CA PRO A 157 25.84 25.78 15.07
C PRO A 157 26.26 26.97 14.21
N ALA A 158 25.34 27.50 13.41
CA ALA A 158 25.67 28.63 12.56
C ALA A 158 25.55 29.96 13.29
N LYS A 159 26.45 30.88 12.98
CA LYS A 159 26.41 32.21 13.56
C LYS A 159 26.16 33.19 12.42
N VAL A 160 24.92 33.63 12.28
CA VAL A 160 24.58 34.57 11.22
C VAL A 160 25.02 35.98 11.61
N ILE A 161 25.93 36.56 10.84
CA ILE A 161 26.42 37.92 11.09
C ILE A 161 25.40 38.93 10.56
N ASP A 162 25.15 38.89 9.25
CA ASP A 162 24.18 39.77 8.62
C ASP A 162 23.54 39.04 7.45
N ASN A 163 22.77 39.74 6.62
CA ASN A 163 22.09 39.07 5.51
C ASN A 163 22.98 38.53 4.39
N HIS A 164 24.29 38.68 4.53
CA HIS A 164 25.21 38.17 3.51
C HIS A 164 26.41 37.50 4.15
N THR A 165 26.40 37.40 5.48
CA THR A 165 27.54 36.85 6.20
C THR A 165 27.19 35.82 7.26
N VAL A 166 27.94 34.72 7.26
CA VAL A 166 27.72 33.64 8.22
C VAL A 166 29.05 33.05 8.68
N GLU A 167 29.16 32.77 9.97
CA GLU A 167 30.36 32.16 10.50
C GLU A 167 30.11 30.69 10.80
N ALA A 168 31.04 29.84 10.36
CA ALA A 168 30.96 28.42 10.60
C ALA A 168 32.35 27.83 10.68
N ALA A 169 32.55 26.90 11.60
CA ALA A 169 33.85 26.26 11.79
C ALA A 169 34.93 27.30 12.02
N GLY A 170 34.58 28.39 12.69
CA GLY A 170 35.55 29.44 12.97
C GLY A 170 35.97 30.24 11.76
N LYS A 171 35.16 30.22 10.70
CA LYS A 171 35.48 30.97 9.49
C LYS A 171 34.29 31.80 9.05
N VAL A 172 34.56 32.82 8.23
CA VAL A 172 33.51 33.69 7.74
C VAL A 172 33.20 33.37 6.29
N PHE A 173 31.92 33.25 5.96
CA PHE A 173 31.49 32.98 4.59
C PHE A 173 30.52 34.05 4.12
N LYS A 174 30.65 34.44 2.86
CA LYS A 174 29.78 35.45 2.26
C LYS A 174 28.89 34.75 1.23
N ALA A 175 27.68 35.25 1.03
CA ALA A 175 26.76 34.67 0.07
C ALA A 175 25.85 35.75 -0.49
N LYS A 176 25.30 35.51 -1.68
CA LYS A 176 24.39 36.46 -2.28
C LYS A 176 23.05 36.41 -1.57
N ASN A 177 22.73 35.24 -1.00
CA ASN A 177 21.47 35.04 -0.31
C ASN A 177 21.60 34.12 0.89
N LEU A 178 20.60 34.19 1.76
CA LEU A 178 20.52 33.31 2.92
C LEU A 178 19.18 32.60 2.85
N ILE A 179 19.18 31.31 3.14
CA ILE A 179 17.95 30.53 3.15
C ILE A 179 17.86 29.95 4.55
N LEU A 180 16.89 30.45 5.31
CA LEU A 180 16.69 30.00 6.69
C LEU A 180 15.86 28.72 6.72
N ALA A 181 16.44 27.65 7.26
CA ALA A 181 15.77 26.36 7.33
C ALA A 181 16.05 25.63 8.63
N VAL A 182 15.86 26.33 9.75
CA VAL A 182 16.10 25.75 11.07
C VAL A 182 14.91 25.02 11.67
N GLY A 183 13.82 24.93 10.91
CA GLY A 183 12.63 24.22 11.37
C GLY A 183 11.91 24.74 12.61
N ALA A 184 11.28 23.82 13.33
CA ALA A 184 10.54 24.14 14.53
C ALA A 184 10.87 23.21 15.70
N GLY A 185 10.56 23.66 16.91
CA GLY A 185 10.85 22.86 18.09
C GLY A 185 9.59 22.42 18.81
N PRO A 186 9.69 21.42 19.69
CA PRO A 186 8.54 20.90 20.44
C PRO A 186 7.77 21.97 21.20
N GLY A 187 6.44 21.87 21.18
CA GLY A 187 5.62 22.83 21.89
C GLY A 187 5.79 22.62 23.38
N THR A 188 5.62 23.70 24.15
CA THR A 188 5.77 23.62 25.60
C THR A 188 4.42 23.69 26.29
N LEU A 189 4.33 23.09 27.47
CA LEU A 189 3.09 23.09 28.23
C LEU A 189 3.33 23.83 29.55
N ASP A 190 2.65 24.96 29.74
CA ASP A 190 2.79 25.78 30.93
C ASP A 190 2.00 25.34 32.16
N VAL A 191 2.41 24.23 32.76
CA VAL A 191 1.74 23.72 33.95
C VAL A 191 2.83 23.24 34.90
N PRO A 192 2.54 23.20 36.21
CA PRO A 192 3.53 22.74 37.17
C PRO A 192 3.79 21.24 36.99
N GLY A 193 5.04 20.83 37.19
CA GLY A 193 5.40 19.43 37.05
C GLY A 193 5.76 19.01 35.64
N VAL A 194 5.64 19.92 34.68
CA VAL A 194 5.96 19.61 33.29
C VAL A 194 7.40 19.14 33.09
N ASN A 195 8.29 19.47 34.01
CA ASN A 195 9.70 19.07 33.91
C ASN A 195 10.02 17.84 34.75
N ALA A 196 9.00 17.21 35.30
CA ALA A 196 9.22 16.02 36.10
C ALA A 196 9.76 14.92 35.20
N LYS A 197 10.47 13.97 35.80
CA LYS A 197 11.01 12.85 35.05
C LYS A 197 9.83 11.97 34.66
N GLY A 198 9.74 11.63 33.38
CA GLY A 198 8.64 10.78 32.93
C GLY A 198 7.76 11.53 31.94
N VAL A 199 8.05 12.81 31.77
CA VAL A 199 7.31 13.63 30.81
C VAL A 199 8.16 13.72 29.55
N PHE A 200 7.61 13.26 28.43
CA PHE A 200 8.34 13.26 27.17
C PHE A 200 7.57 13.87 26.01
N ASP A 201 8.32 14.17 24.95
CA ASP A 201 7.77 14.66 23.69
C ASP A 201 8.52 13.81 22.67
N HIS A 202 8.23 13.97 21.39
CA HIS A 202 8.90 13.13 20.39
C HIS A 202 10.43 13.21 20.41
N ALA A 203 10.96 14.40 20.72
CA ALA A 203 12.40 14.59 20.76
C ALA A 203 13.11 13.94 21.95
N THR A 204 12.58 14.15 23.15
CA THR A 204 13.21 13.57 24.34
C THR A 204 12.93 12.08 24.53
N LEU A 205 11.86 11.58 23.92
CA LEU A 205 11.51 10.17 24.04
C LEU A 205 12.61 9.27 23.48
N VAL A 206 13.22 9.69 22.38
CA VAL A 206 14.28 8.88 21.79
C VAL A 206 15.67 9.27 22.28
N GLU A 207 15.73 10.04 23.36
CA GLU A 207 17.01 10.46 23.90
C GLU A 207 17.12 10.19 25.41
N GLU A 208 16.01 10.31 26.13
CA GLU A 208 16.05 10.15 27.58
C GLU A 208 15.20 9.07 28.24
N LEU A 209 14.74 8.07 27.49
CA LEU A 209 13.93 7.03 28.11
C LEU A 209 14.81 5.96 28.74
N ASP A 210 15.10 6.12 30.03
CA ASP A 210 15.97 5.17 30.72
C ASP A 210 15.22 4.18 31.61
N TYR A 211 13.92 4.09 31.44
CA TYR A 211 13.12 3.15 32.23
C TYR A 211 11.95 2.65 31.39
N GLU A 212 11.31 1.57 31.86
CA GLU A 212 10.17 1.02 31.15
C GLU A 212 8.92 1.55 31.83
N PRO A 213 8.05 2.23 31.07
CA PRO A 213 6.80 2.81 31.56
C PRO A 213 5.83 1.85 32.24
N GLY A 214 5.03 2.38 33.14
CA GLY A 214 4.05 1.59 33.86
C GLY A 214 2.89 1.13 32.99
N SER A 215 1.80 0.71 33.64
CA SER A 215 0.62 0.21 32.95
C SER A 215 -0.32 1.26 32.35
N THR A 216 -0.14 2.51 32.72
CA THR A 216 -0.99 3.57 32.21
C THR A 216 -0.17 4.64 31.52
N VAL A 217 -0.71 5.17 30.42
CA VAL A 217 -0.03 6.21 29.68
C VAL A 217 -0.98 7.36 29.41
N VAL A 218 -0.52 8.58 29.62
CA VAL A 218 -1.33 9.76 29.35
C VAL A 218 -0.71 10.54 28.21
N VAL A 219 -1.49 10.73 27.15
CA VAL A 219 -1.04 11.48 25.99
C VAL A 219 -1.78 12.80 25.98
N VAL A 220 -1.06 13.89 25.79
CA VAL A 220 -1.67 15.20 25.76
C VAL A 220 -1.63 15.77 24.35
N GLY A 221 -2.80 16.00 23.78
CA GLY A 221 -2.89 16.52 22.43
C GLY A 221 -3.79 15.65 21.56
N GLY A 222 -4.28 16.21 20.46
CA GLY A 222 -5.14 15.48 19.56
C GLY A 222 -4.58 15.51 18.15
N SER A 223 -3.31 15.88 18.05
CA SER A 223 -2.60 15.95 16.79
C SER A 223 -2.35 14.57 16.18
N LYS A 224 -1.67 14.55 15.05
CA LYS A 224 -1.33 13.30 14.38
C LYS A 224 -0.36 12.55 15.28
N THR A 225 0.67 13.25 15.72
CA THR A 225 1.69 12.69 16.58
C THR A 225 1.10 12.06 17.84
N ALA A 226 0.21 12.80 18.49
CA ALA A 226 -0.42 12.30 19.71
C ALA A 226 -1.19 11.02 19.43
N VAL A 227 -1.93 11.00 18.32
CA VAL A 227 -2.72 9.82 17.96
C VAL A 227 -1.84 8.66 17.53
N GLU A 228 -0.82 8.96 16.72
CA GLU A 228 0.09 7.94 16.24
C GLU A 228 0.85 7.28 17.38
N TYR A 229 1.45 8.09 18.25
CA TYR A 229 2.17 7.57 19.40
C TYR A 229 1.21 6.91 20.39
N GLY A 230 0.03 7.48 20.53
CA GLY A 230 -0.96 6.93 21.45
C GLY A 230 -1.41 5.53 21.08
N CYS A 231 -1.66 5.30 19.79
CA CYS A 231 -2.07 3.97 19.36
C CYS A 231 -0.96 2.95 19.57
N PHE A 232 0.29 3.39 19.44
CA PHE A 232 1.43 2.51 19.67
C PHE A 232 1.49 2.14 21.16
N PHE A 233 1.42 3.13 22.03
CA PHE A 233 1.45 2.85 23.47
C PHE A 233 0.32 1.89 23.85
N ASN A 234 -0.87 2.10 23.29
CA ASN A 234 -2.02 1.24 23.58
C ASN A 234 -1.76 -0.19 23.08
N ALA A 235 -1.15 -0.29 21.90
CA ALA A 235 -0.85 -1.58 21.30
C ALA A 235 0.11 -2.40 22.15
N THR A 236 0.98 -1.72 22.92
CA THR A 236 1.93 -2.42 23.76
C THR A 236 1.22 -3.06 24.96
N GLY A 237 -0.07 -2.75 25.11
CA GLY A 237 -0.85 -3.32 26.19
C GLY A 237 -1.09 -2.41 27.38
N ARG A 238 -0.86 -1.12 27.21
CA ARG A 238 -1.06 -0.17 28.29
C ARG A 238 -2.35 0.64 28.16
N ARG A 239 -2.95 0.96 29.29
CA ARG A 239 -4.16 1.76 29.30
C ARG A 239 -3.73 3.12 28.78
N THR A 240 -4.34 3.57 27.69
CA THR A 240 -3.94 4.83 27.11
C THR A 240 -5.05 5.87 27.11
N VAL A 241 -4.79 6.99 27.78
CA VAL A 241 -5.75 8.06 27.88
C VAL A 241 -5.23 9.31 27.16
N MET A 242 -6.03 9.79 26.20
CA MET A 242 -5.67 10.97 25.43
C MET A 242 -6.50 12.17 25.84
N LEU A 243 -5.82 13.24 26.24
CA LEU A 243 -6.49 14.46 26.67
C LEU A 243 -6.42 15.47 25.53
N VAL A 244 -7.55 15.67 24.86
CA VAL A 244 -7.66 16.59 23.73
C VAL A 244 -8.36 17.89 24.12
N ARG A 245 -7.75 19.02 23.78
CA ARG A 245 -8.32 20.32 24.12
C ARG A 245 -9.67 20.56 23.46
N THR A 246 -9.77 20.25 22.16
CA THR A 246 -11.01 20.41 21.43
C THR A 246 -11.62 19.05 21.11
N GLU A 247 -11.69 18.70 19.83
CA GLU A 247 -12.22 17.40 19.39
C GLU A 247 -11.09 16.69 18.65
N PRO A 248 -11.04 15.36 18.72
CA PRO A 248 -10.00 14.60 18.04
C PRO A 248 -10.14 14.37 16.54
N LEU A 249 -9.01 14.38 15.85
CA LEU A 249 -8.97 14.12 14.41
C LEU A 249 -9.90 14.97 13.54
N LYS A 250 -9.94 16.27 13.81
CA LYS A 250 -10.78 17.18 13.03
C LYS A 250 -10.27 17.20 11.59
N LEU A 251 -9.02 16.74 11.41
CA LEU A 251 -8.38 16.70 10.10
C LEU A 251 -9.12 15.77 9.13
N ILE A 252 -9.85 14.80 9.67
CA ILE A 252 -10.61 13.86 8.84
C ILE A 252 -12.00 14.48 8.63
N LYS A 253 -12.16 15.22 7.53
CA LYS A 253 -13.42 15.89 7.22
C LYS A 253 -14.65 15.00 7.03
N ASP A 254 -14.49 13.84 6.40
CA ASP A 254 -15.65 12.97 6.20
C ASP A 254 -16.10 12.38 7.53
N ASN A 255 -17.34 12.67 7.91
CA ASN A 255 -17.89 12.20 9.16
C ASN A 255 -17.86 10.69 9.36
N GLU A 256 -18.34 9.94 8.37
CA GLU A 256 -18.36 8.48 8.47
C GLU A 256 -16.95 7.91 8.60
N THR A 257 -16.01 8.49 7.85
CA THR A 257 -14.64 8.02 7.90
C THR A 257 -14.07 8.26 9.29
N ARG A 258 -14.27 9.48 9.80
CA ARG A 258 -13.77 9.82 11.14
C ARG A 258 -14.38 8.94 12.22
N ALA A 259 -15.68 8.68 12.14
CA ALA A 259 -16.36 7.83 13.12
C ALA A 259 -15.81 6.41 13.09
N TYR A 260 -15.53 5.89 11.90
CA TYR A 260 -14.99 4.55 11.80
C TYR A 260 -13.62 4.48 12.48
N VAL A 261 -12.79 5.48 12.21
CA VAL A 261 -11.45 5.55 12.79
C VAL A 261 -11.50 5.64 14.32
N LEU A 262 -12.33 6.54 14.83
CA LEU A 262 -12.47 6.71 16.28
C LEU A 262 -13.08 5.46 16.92
N ASP A 263 -14.08 4.87 16.26
CA ASP A 263 -14.72 3.66 16.80
C ASP A 263 -13.73 2.51 16.97
N ARG A 264 -12.86 2.35 15.97
CA ARG A 264 -11.86 1.29 16.02
C ARG A 264 -10.84 1.55 17.12
N MET A 265 -10.50 2.82 17.36
CA MET A 265 -9.54 3.17 18.40
C MET A 265 -10.13 2.83 19.78
N LYS A 266 -11.40 3.20 19.99
CA LYS A 266 -12.06 2.93 21.26
C LYS A 266 -12.19 1.42 21.45
N GLU A 267 -12.45 0.70 20.36
CA GLU A 267 -12.58 -0.74 20.42
C GLU A 267 -11.26 -1.39 20.88
N GLN A 268 -10.14 -0.74 20.60
CA GLN A 268 -8.85 -1.27 21.02
C GLN A 268 -8.59 -0.90 22.48
N GLY A 269 -9.52 -0.18 23.09
CA GLY A 269 -9.40 0.19 24.48
C GLY A 269 -8.88 1.57 24.78
N MET A 270 -8.75 2.41 23.76
CA MET A 270 -8.26 3.76 23.97
C MET A 270 -9.37 4.66 24.52
N GLU A 271 -8.99 5.55 25.43
CA GLU A 271 -9.94 6.47 26.03
C GLU A 271 -9.64 7.88 25.55
N ILE A 272 -10.57 8.47 24.82
CA ILE A 272 -10.37 9.81 24.29
C ILE A 272 -11.29 10.82 24.97
N ILE A 273 -10.66 11.77 25.65
CA ILE A 273 -11.38 12.80 26.38
C ILE A 273 -11.19 14.15 25.70
N SER A 274 -12.24 14.64 25.05
CA SER A 274 -12.18 15.93 24.37
C SER A 274 -12.52 17.07 25.33
N GLY A 275 -12.21 18.29 24.91
CA GLY A 275 -12.47 19.46 25.74
C GLY A 275 -11.75 19.38 27.06
N SER A 276 -10.55 18.81 27.06
CA SER A 276 -9.78 18.67 28.29
C SER A 276 -8.50 19.48 28.28
N ASN A 277 -8.16 20.05 29.43
CA ASN A 277 -6.95 20.86 29.58
C ASN A 277 -6.17 20.45 30.81
N VAL A 278 -4.92 20.06 30.63
CA VAL A 278 -4.09 19.66 31.77
C VAL A 278 -3.88 20.84 32.70
N THR A 279 -4.05 20.61 33.99
CA THR A 279 -3.86 21.67 34.97
C THR A 279 -2.60 21.42 35.79
N ARG A 280 -2.26 20.16 36.00
CA ARG A 280 -1.07 19.84 36.78
C ARG A 280 -0.55 18.42 36.54
N ILE A 281 0.76 18.29 36.58
CA ILE A 281 1.40 16.99 36.44
C ILE A 281 2.03 16.77 37.80
N GLU A 282 1.52 15.78 38.52
CA GLU A 282 2.01 15.44 39.87
C GLU A 282 3.36 14.74 39.92
N GLU A 283 4.23 15.25 40.78
CA GLU A 283 5.57 14.68 40.97
C GLU A 283 5.62 13.91 42.28
N ASP A 284 6.32 12.79 42.31
CA ASP A 284 6.45 12.04 43.56
C ASP A 284 7.68 12.57 44.27
N ALA A 285 7.97 12.03 45.44
CA ALA A 285 9.12 12.46 46.23
C ALA A 285 10.42 12.33 45.45
N ASN A 286 10.41 11.54 44.38
CA ASN A 286 11.62 11.36 43.60
C ASN A 286 11.71 12.27 42.37
N GLY A 287 10.74 13.18 42.23
CA GLY A 287 10.75 14.07 41.10
C GLY A 287 10.27 13.35 39.85
N ARG A 288 9.57 12.25 40.07
CA ARG A 288 9.04 11.41 39.00
C ARG A 288 7.53 11.65 38.88
N VAL A 289 7.01 11.57 37.66
CA VAL A 289 5.58 11.77 37.44
C VAL A 289 4.78 10.67 38.15
N GLN A 290 3.69 11.05 38.81
CA GLN A 290 2.86 10.05 39.49
C GLN A 290 1.40 10.15 39.05
N ALA A 291 1.01 11.28 38.50
CA ALA A 291 -0.37 11.45 38.06
C ALA A 291 -0.57 12.72 37.28
N VAL A 292 -1.66 12.78 36.53
CA VAL A 292 -1.99 13.95 35.74
C VAL A 292 -3.38 14.42 36.10
N VAL A 293 -3.52 15.72 36.29
CA VAL A 293 -4.81 16.30 36.63
C VAL A 293 -5.21 17.24 35.49
N ALA A 294 -6.44 17.10 35.03
CA ALA A 294 -6.93 17.94 33.95
C ALA A 294 -8.39 18.31 34.14
N MET A 295 -8.78 19.42 33.53
CA MET A 295 -10.16 19.87 33.60
C MET A 295 -10.85 19.36 32.35
N THR A 296 -12.01 18.74 32.53
CA THR A 296 -12.77 18.21 31.40
C THR A 296 -14.18 18.77 31.43
N PRO A 297 -14.97 18.54 30.37
CA PRO A 297 -16.33 19.06 30.34
C PRO A 297 -17.13 18.52 31.53
N ASN A 298 -16.80 17.31 31.96
CA ASN A 298 -17.48 16.69 33.08
C ASN A 298 -16.79 16.96 34.40
N GLY A 299 -15.86 17.91 34.40
CA GLY A 299 -15.17 18.25 35.63
C GLY A 299 -13.73 17.81 35.68
N GLU A 300 -13.12 17.96 36.85
CA GLU A 300 -11.72 17.61 37.06
C GLU A 300 -11.51 16.13 37.29
N MET A 301 -10.46 15.58 36.68
CA MET A 301 -10.15 14.17 36.86
C MET A 301 -8.66 13.98 37.13
N ARG A 302 -8.32 12.85 37.72
CA ARG A 302 -6.95 12.52 38.06
C ARG A 302 -6.61 11.12 37.57
N ILE A 303 -5.54 11.02 36.77
CA ILE A 303 -5.11 9.74 36.23
C ILE A 303 -3.70 9.40 36.69
N GLU A 304 -3.58 8.29 37.40
CA GLU A 304 -2.29 7.85 37.92
C GLU A 304 -1.46 7.33 36.75
N THR A 305 -0.21 7.77 36.68
CA THR A 305 0.68 7.35 35.60
C THR A 305 2.09 7.81 35.89
N ASP A 306 3.06 7.11 35.31
CA ASP A 306 4.46 7.48 35.50
C ASP A 306 5.05 7.80 34.14
N PHE A 307 4.18 7.92 33.14
CA PHE A 307 4.61 8.21 31.78
C PHE A 307 3.62 9.14 31.08
N VAL A 308 4.11 10.29 30.64
CA VAL A 308 3.29 11.28 29.96
C VAL A 308 3.96 11.69 28.65
N PHE A 309 3.19 11.63 27.55
CA PHE A 309 3.71 12.03 26.26
C PHE A 309 2.98 13.24 25.73
N LEU A 310 3.73 14.30 25.43
CA LEU A 310 3.17 15.55 24.94
C LEU A 310 3.20 15.56 23.42
N GLY A 311 2.02 15.70 22.82
CA GLY A 311 1.91 15.75 21.37
C GLY A 311 1.32 17.07 20.94
N LEU A 312 1.97 18.15 21.37
CA LEU A 312 1.52 19.50 21.04
C LEU A 312 2.12 19.89 19.70
N GLY A 313 1.68 21.00 19.13
CA GLY A 313 2.24 21.42 17.86
C GLY A 313 3.64 21.99 18.06
N GLU A 314 4.48 21.90 17.04
CA GLU A 314 5.83 22.44 17.13
C GLU A 314 5.83 23.93 16.86
N GLN A 315 6.85 24.63 17.36
CA GLN A 315 6.95 26.06 17.15
C GLN A 315 8.23 26.47 16.42
N PRO A 316 8.10 27.27 15.35
CA PRO A 316 9.21 27.75 14.53
C PRO A 316 10.38 28.34 15.36
N ARG A 317 11.60 27.96 15.01
CA ARG A 317 12.78 28.47 15.71
C ARG A 317 13.20 29.80 15.10
N SER A 318 12.40 30.83 15.34
CA SER A 318 12.64 32.15 14.78
C SER A 318 13.23 33.23 15.67
N ALA A 319 13.11 33.08 16.98
CA ALA A 319 13.61 34.07 17.94
C ALA A 319 14.95 34.74 17.62
N GLU A 320 16.02 33.95 17.65
CA GLU A 320 17.37 34.46 17.39
C GLU A 320 17.55 35.11 16.02
N LEU A 321 17.11 34.42 14.98
CA LEU A 321 17.24 34.92 13.63
C LEU A 321 16.46 36.21 13.42
N ALA A 322 15.26 36.27 13.98
CA ALA A 322 14.43 37.47 13.84
C ALA A 322 15.12 38.67 14.46
N LYS A 323 15.86 38.44 15.54
CA LYS A 323 16.54 39.53 16.21
C LYS A 323 17.77 39.98 15.43
N ILE A 324 18.61 39.03 15.04
CA ILE A 324 19.83 39.34 14.30
C ILE A 324 19.54 40.01 12.96
N LEU A 325 18.59 39.46 12.21
CA LEU A 325 18.26 39.99 10.89
C LEU A 325 17.12 41.00 10.85
N GLY A 326 16.26 41.00 11.85
CA GLY A 326 15.13 41.91 11.87
C GLY A 326 14.02 41.41 10.98
N LEU A 327 13.64 40.15 11.19
CA LEU A 327 12.59 39.51 10.39
C LEU A 327 11.19 39.72 10.96
N ASP A 328 10.22 39.95 10.09
CA ASP A 328 8.83 40.11 10.53
C ASP A 328 8.31 38.71 10.83
N LEU A 329 7.71 38.54 12.00
CA LEU A 329 7.18 37.24 12.41
C LEU A 329 5.66 37.21 12.46
N GLY A 330 5.11 36.00 12.38
CA GLY A 330 3.68 35.84 12.41
C GLY A 330 3.12 35.62 13.81
N PRO A 331 1.80 35.45 13.94
CA PRO A 331 1.10 35.23 15.20
C PRO A 331 1.67 34.09 16.04
N LYS A 332 2.12 33.03 15.38
CA LYS A 332 2.67 31.88 16.09
C LYS A 332 4.19 31.77 16.02
N GLY A 333 4.84 32.89 15.76
CA GLY A 333 6.29 32.90 15.69
C GLY A 333 6.86 32.48 14.36
N GLU A 334 6.00 32.20 13.39
CA GLU A 334 6.47 31.79 12.07
C GLU A 334 7.07 32.97 11.32
N VAL A 335 8.12 32.73 10.56
CA VAL A 335 8.73 33.79 9.78
C VAL A 335 7.81 34.04 8.59
N LEU A 336 7.42 35.30 8.40
CA LEU A 336 6.52 35.65 7.31
C LEU A 336 7.28 35.72 5.99
N VAL A 337 6.68 35.19 4.94
CA VAL A 337 7.30 35.20 3.61
C VAL A 337 6.23 35.42 2.56
N ASN A 338 6.63 35.90 1.39
CA ASN A 338 5.70 36.11 0.30
C ASN A 338 5.61 34.81 -0.49
N GLU A 339 4.90 34.84 -1.61
CA GLU A 339 4.71 33.66 -2.44
C GLU A 339 5.99 33.08 -3.03
N TYR A 340 7.10 33.83 -2.92
CA TYR A 340 8.38 33.39 -3.44
C TYR A 340 9.31 32.94 -2.32
N LEU A 341 8.76 32.79 -1.12
CA LEU A 341 9.49 32.35 0.07
C LEU A 341 10.46 33.41 0.59
N GLN A 342 10.30 34.65 0.14
CA GLN A 342 11.15 35.74 0.59
C GLN A 342 10.66 36.36 1.88
N THR A 343 11.58 36.61 2.81
CA THR A 343 11.23 37.22 4.10
C THR A 343 11.17 38.73 3.93
N SER A 344 11.01 39.45 5.04
CA SER A 344 10.93 40.91 5.00
C SER A 344 12.31 41.51 4.78
N VAL A 345 13.35 40.70 4.97
CA VAL A 345 14.72 41.14 4.78
C VAL A 345 15.22 40.75 3.40
N PRO A 346 15.86 41.70 2.68
CA PRO A 346 16.39 41.43 1.34
C PRO A 346 17.44 40.33 1.25
N ASN A 347 17.26 39.46 0.27
CA ASN A 347 18.17 38.34 0.03
C ASN A 347 18.06 37.24 1.10
N VAL A 348 17.00 37.28 1.90
CA VAL A 348 16.79 36.28 2.94
C VAL A 348 15.48 35.52 2.74
N TYR A 349 15.57 34.21 2.54
CA TYR A 349 14.41 33.37 2.35
C TYR A 349 14.19 32.51 3.59
N ALA A 350 12.97 31.98 3.74
CA ALA A 350 12.61 31.11 4.86
C ALA A 350 11.79 29.97 4.29
N VAL A 351 12.05 28.75 4.76
CA VAL A 351 11.38 27.55 4.26
C VAL A 351 11.11 26.51 5.37
N GLY A 352 10.40 25.45 5.02
CA GLY A 352 10.11 24.39 5.99
C GLY A 352 9.18 24.73 7.12
N ASP A 353 9.37 24.07 8.26
CA ASP A 353 8.53 24.28 9.43
C ASP A 353 8.71 25.69 10.00
N LEU A 354 9.77 26.36 9.57
CA LEU A 354 10.06 27.70 10.03
C LEU A 354 9.01 28.71 9.56
N ILE A 355 8.34 28.42 8.45
CA ILE A 355 7.33 29.34 7.94
C ILE A 355 5.91 28.91 8.29
N GLY A 356 5.78 27.91 9.16
CA GLY A 356 4.47 27.46 9.57
C GLY A 356 3.92 26.22 8.90
N GLY A 357 2.61 26.04 9.04
CA GLY A 357 1.92 24.90 8.48
C GLY A 357 1.58 25.09 7.01
N PRO A 358 1.31 24.00 6.28
CA PRO A 358 1.33 22.65 6.83
C PRO A 358 2.76 22.17 7.10
N MET A 359 2.98 21.60 8.28
CA MET A 359 4.29 21.08 8.64
C MET A 359 4.36 19.62 8.19
N GLU A 360 4.68 19.44 6.92
CA GLU A 360 4.79 18.12 6.30
C GLU A 360 6.08 18.10 5.49
N MET A 361 6.58 16.91 5.20
CA MET A 361 7.81 16.76 4.42
C MET A 361 7.71 17.31 2.99
N PHE A 362 6.57 17.10 2.33
CA PHE A 362 6.41 17.61 0.96
C PHE A 362 6.50 19.15 0.94
N LYS A 363 5.95 19.79 1.98
CA LYS A 363 5.98 21.25 2.07
C LYS A 363 7.42 21.73 2.30
N ALA A 364 8.11 21.08 3.23
CA ALA A 364 9.48 21.46 3.54
C ALA A 364 10.40 21.31 2.32
N ARG A 365 10.38 20.14 1.69
CA ARG A 365 11.22 19.87 0.53
C ARG A 365 10.91 20.77 -0.66
N LYS A 366 9.62 20.91 -0.97
CA LYS A 366 9.24 21.74 -2.10
C LYS A 366 9.54 23.21 -1.89
N SER A 367 9.23 23.74 -0.70
CA SER A 367 9.52 25.16 -0.42
C SER A 367 11.02 25.38 -0.53
N GLY A 368 11.79 24.39 -0.09
CA GLY A 368 13.23 24.50 -0.17
C GLY A 368 13.70 24.62 -1.61
N CYS A 369 13.13 23.79 -2.48
CA CYS A 369 13.50 23.82 -3.90
C CYS A 369 13.03 25.09 -4.59
N TYR A 370 11.85 25.57 -4.25
CA TYR A 370 11.34 26.78 -4.88
C TYR A 370 12.15 28.01 -4.47
N ALA A 371 12.61 28.04 -3.23
CA ALA A 371 13.42 29.17 -2.78
C ALA A 371 14.71 29.18 -3.58
N ALA A 372 15.26 27.99 -3.80
CA ALA A 372 16.50 27.82 -4.55
C ALA A 372 16.35 28.32 -5.98
N ARG A 373 15.22 27.99 -6.60
CA ARG A 373 14.95 28.39 -7.98
C ARG A 373 14.85 29.91 -8.07
N ASN A 374 14.22 30.53 -7.08
CA ASN A 374 14.11 31.98 -7.07
C ASN A 374 15.50 32.58 -6.90
N VAL A 375 16.30 31.99 -6.02
CA VAL A 375 17.65 32.48 -5.79
C VAL A 375 18.45 32.41 -7.09
N MET A 376 18.18 31.40 -7.91
CA MET A 376 18.90 31.26 -9.16
C MET A 376 18.31 32.07 -10.30
N GLY A 377 17.43 33.02 -9.98
CA GLY A 377 16.82 33.86 -10.99
C GLY A 377 15.53 33.38 -11.61
N GLU A 378 15.06 32.20 -11.21
CA GLU A 378 13.83 31.65 -11.75
C GLU A 378 12.67 32.01 -10.82
N LYS A 379 11.96 33.10 -11.13
CA LYS A 379 10.83 33.54 -10.31
C LYS A 379 9.66 32.57 -10.35
N ILE A 380 9.46 31.87 -9.24
CA ILE A 380 8.38 30.90 -9.14
C ILE A 380 7.71 30.98 -7.77
N SER A 381 6.39 30.95 -7.75
CA SER A 381 5.65 31.04 -6.49
C SER A 381 5.24 29.68 -5.96
N TYR A 382 5.07 29.59 -4.65
CA TYR A 382 4.65 28.35 -4.03
C TYR A 382 3.67 28.60 -2.91
N THR A 383 2.50 27.98 -3.01
CA THR A 383 1.46 28.07 -2.00
C THR A 383 0.80 26.71 -1.93
N PRO A 384 1.12 25.92 -0.89
CA PRO A 384 0.54 24.59 -0.76
C PRO A 384 -0.98 24.57 -0.55
N LYS A 385 -1.67 23.80 -1.38
CA LYS A 385 -3.10 23.66 -1.27
C LYS A 385 -3.60 22.47 -2.11
N ASN A 386 -4.72 21.89 -1.70
CA ASN A 386 -5.29 20.74 -2.38
C ASN A 386 -4.29 19.59 -2.46
N TYR A 387 -3.74 19.23 -1.31
CA TYR A 387 -2.79 18.14 -1.24
C TYR A 387 -3.41 16.99 -0.47
N PRO A 388 -2.90 15.77 -0.71
CA PRO A 388 -3.45 14.62 0.01
C PRO A 388 -2.87 14.65 1.42
N ASP A 389 -3.38 13.83 2.33
CA ASP A 389 -2.87 13.83 3.69
C ASP A 389 -3.14 12.47 4.29
N PHE A 390 -2.51 12.19 5.43
CA PHE A 390 -2.70 10.90 6.06
C PHE A 390 -2.21 10.94 7.51
N LEU A 391 -2.54 9.89 8.24
CA LEU A 391 -2.13 9.76 9.63
C LEU A 391 -2.30 8.30 10.01
N HIS A 392 -1.63 7.88 11.07
CA HIS A 392 -1.71 6.51 11.55
C HIS A 392 -2.44 6.40 12.89
N THR A 393 -3.20 5.33 13.05
CA THR A 393 -3.85 4.99 14.31
C THR A 393 -3.27 3.58 14.37
N HIS A 394 -4.12 2.55 14.37
CA HIS A 394 -3.61 1.18 14.31
C HIS A 394 -3.72 0.86 12.82
N TYR A 395 -4.41 1.75 12.11
CA TYR A 395 -4.63 1.65 10.67
C TYR A 395 -3.96 2.83 9.97
N GLU A 396 -3.88 2.74 8.65
CA GLU A 396 -3.36 3.82 7.84
C GLU A 396 -4.62 4.56 7.42
N VAL A 397 -4.63 5.88 7.60
CA VAL A 397 -5.80 6.68 7.24
C VAL A 397 -5.41 7.73 6.21
N SER A 398 -6.03 7.62 5.04
CA SER A 398 -5.75 8.53 3.93
C SER A 398 -6.97 9.33 3.50
N PHE A 399 -6.75 10.60 3.15
CA PHE A 399 -7.84 11.45 2.73
C PHE A 399 -7.38 12.59 1.83
N LEU A 400 -8.28 13.02 0.94
CA LEU A 400 -8.00 14.11 0.03
C LEU A 400 -9.34 14.69 -0.41
N GLY A 401 -9.35 15.96 -0.78
CA GLY A 401 -10.59 16.58 -1.22
C GLY A 401 -11.65 16.77 -0.16
N MET A 402 -12.91 16.70 -0.58
CA MET A 402 -14.03 16.92 0.31
C MET A 402 -14.68 15.70 0.94
N GLY A 403 -15.20 15.89 2.15
CA GLY A 403 -15.91 14.84 2.86
C GLY A 403 -17.32 14.89 2.28
N GLU A 404 -18.13 13.87 2.56
CA GLU A 404 -19.50 13.81 2.03
C GLU A 404 -20.39 14.99 2.45
N GLU A 405 -20.46 15.25 3.76
CA GLU A 405 -21.29 16.35 4.26
C GLU A 405 -20.78 17.68 3.73
N GLU A 406 -19.47 17.86 3.78
CA GLU A 406 -18.81 19.07 3.31
C GLU A 406 -19.16 19.42 1.87
N ALA A 407 -19.20 18.41 1.00
CA ALA A 407 -19.54 18.63 -0.40
C ALA A 407 -20.98 19.09 -0.57
N ARG A 408 -21.92 18.44 0.13
CA ARG A 408 -23.33 18.81 0.04
C ARG A 408 -23.54 20.22 0.57
N ALA A 409 -22.91 20.52 1.69
CA ALA A 409 -23.03 21.84 2.29
C ALA A 409 -22.56 22.91 1.31
N ALA A 410 -21.54 22.57 0.52
CA ALA A 410 -20.98 23.48 -0.45
C ALA A 410 -21.87 23.66 -1.68
N GLY A 411 -22.98 22.94 -1.75
CA GLY A 411 -23.88 23.07 -2.88
C GLY A 411 -23.71 22.06 -4.00
N HIS A 412 -22.99 20.97 -3.74
CA HIS A 412 -22.80 19.94 -4.75
C HIS A 412 -23.85 18.85 -4.62
N GLU A 413 -24.45 18.46 -5.74
CA GLU A 413 -25.40 17.36 -5.73
C GLU A 413 -24.45 16.17 -5.86
N ILE A 414 -24.49 15.24 -4.91
CA ILE A 414 -23.54 14.13 -4.96
C ILE A 414 -24.10 12.74 -4.72
N VAL A 415 -23.31 11.75 -5.15
CA VAL A 415 -23.60 10.35 -4.94
C VAL A 415 -22.28 9.84 -4.39
N THR A 416 -22.32 8.73 -3.66
CA THR A 416 -21.09 8.19 -3.11
C THR A 416 -20.98 6.71 -3.43
N ILE A 417 -19.74 6.23 -3.47
CA ILE A 417 -19.47 4.83 -3.70
C ILE A 417 -18.55 4.45 -2.55
N LYS A 418 -19.00 3.53 -1.72
CA LYS A 418 -18.21 3.13 -0.57
C LYS A 418 -18.32 1.64 -0.27
N MET A 419 -17.53 1.21 0.70
CA MET A 419 -17.51 -0.18 1.13
C MET A 419 -17.12 -0.13 2.60
N PRO A 420 -17.85 -0.87 3.44
CA PRO A 420 -18.99 -1.71 3.06
C PRO A 420 -20.25 -0.87 2.78
N PRO A 421 -21.28 -1.49 2.16
CA PRO A 421 -22.51 -0.76 1.86
C PRO A 421 -23.37 -0.51 3.10
N ASP A 422 -24.34 0.40 2.97
CA ASP A 422 -25.25 0.70 4.07
C ASP A 422 -26.38 -0.32 4.06
N THR A 423 -26.29 -1.30 4.95
CA THR A 423 -27.32 -2.33 5.07
C THR A 423 -27.49 -2.61 6.57
N GLU A 424 -28.51 -3.39 6.93
CA GLU A 424 -28.73 -3.68 8.34
C GLU A 424 -27.60 -4.51 8.96
N ASN A 425 -26.75 -5.08 8.13
CA ASN A 425 -25.61 -5.85 8.64
C ASN A 425 -24.44 -4.90 8.92
N GLY A 426 -24.57 -3.66 8.46
CA GLY A 426 -23.54 -2.66 8.68
C GLY A 426 -22.12 -3.06 8.31
N LEU A 427 -21.19 -2.78 9.21
CA LEU A 427 -19.77 -3.07 9.01
C LEU A 427 -19.45 -4.55 9.09
N ASN A 428 -20.37 -5.33 9.64
CA ASN A 428 -20.16 -6.76 9.82
C ASN A 428 -20.24 -7.62 8.56
N VAL A 429 -19.52 -7.21 7.53
CA VAL A 429 -19.48 -7.96 6.27
C VAL A 429 -18.01 -8.12 5.82
N ALA A 430 -17.75 -9.11 4.99
CA ALA A 430 -16.38 -9.40 4.53
C ALA A 430 -15.73 -8.44 3.55
N LEU A 431 -16.18 -7.20 3.50
CA LEU A 431 -15.62 -6.20 2.60
C LEU A 431 -15.57 -4.89 3.37
N PRO A 432 -14.65 -3.98 3.00
CA PRO A 432 -13.67 -4.12 1.92
C PRO A 432 -12.60 -5.12 2.34
N ALA A 433 -11.74 -5.50 1.41
CA ALA A 433 -10.68 -6.46 1.74
C ALA A 433 -9.55 -6.48 0.72
N SER A 434 -8.34 -6.70 1.21
CA SER A 434 -7.15 -6.77 0.38
C SER A 434 -5.94 -7.04 1.29
N ASP A 435 -4.75 -6.87 0.74
CA ASP A 435 -3.51 -7.09 1.49
C ASP A 435 -3.51 -6.49 2.90
N ARG A 436 -3.31 -7.35 3.89
CA ARG A 436 -3.25 -6.94 5.30
C ARG A 436 -4.59 -6.78 6.00
N THR A 437 -5.68 -7.04 5.29
CA THR A 437 -7.01 -6.98 5.90
C THR A 437 -7.78 -8.29 5.63
N MET A 438 -7.09 -9.25 5.02
CA MET A 438 -7.73 -10.54 4.72
C MET A 438 -8.09 -11.34 5.96
N LEU A 439 -7.20 -11.37 6.96
CA LEU A 439 -7.50 -12.10 8.18
C LEU A 439 -8.74 -11.51 8.87
N TYR A 440 -8.81 -10.18 8.94
CA TYR A 440 -9.95 -9.51 9.56
C TYR A 440 -11.22 -9.84 8.77
N ALA A 441 -11.10 -9.84 7.44
CA ALA A 441 -12.25 -10.12 6.58
C ALA A 441 -12.80 -11.54 6.77
N PHE A 442 -11.92 -12.50 7.02
CA PHE A 442 -12.34 -13.88 7.20
C PHE A 442 -12.49 -14.38 8.63
N GLY A 443 -11.93 -13.67 9.60
CA GLY A 443 -12.01 -14.10 10.99
C GLY A 443 -13.41 -14.07 11.59
N LYS A 444 -13.63 -14.83 12.65
CA LYS A 444 -14.93 -14.86 13.30
C LYS A 444 -15.11 -13.63 14.18
N GLY A 445 -16.11 -12.82 13.86
CA GLY A 445 -16.37 -11.61 14.62
C GLY A 445 -15.42 -10.46 14.33
N THR A 446 -14.60 -10.58 13.29
CA THR A 446 -13.64 -9.53 12.97
C THR A 446 -13.89 -8.78 11.65
N ALA A 447 -14.91 -9.21 10.91
CA ALA A 447 -15.21 -8.60 9.61
C ALA A 447 -15.33 -7.07 9.62
N HIS A 448 -15.86 -6.52 10.70
CA HIS A 448 -16.02 -5.07 10.79
C HIS A 448 -14.68 -4.34 10.82
N MET A 449 -13.61 -5.09 11.09
CA MET A 449 -12.27 -4.52 11.14
C MET A 449 -11.58 -4.54 9.79
N SER A 450 -12.26 -5.01 8.75
CA SER A 450 -11.61 -5.10 7.44
C SER A 450 -11.37 -3.78 6.73
N GLY A 451 -11.91 -2.68 7.26
CA GLY A 451 -11.68 -1.38 6.65
C GLY A 451 -12.90 -0.58 6.28
N PHE A 452 -12.65 0.61 5.74
CA PHE A 452 -13.72 1.51 5.31
C PHE A 452 -13.14 2.44 4.25
N GLN A 453 -13.93 2.71 3.20
CA GLN A 453 -13.47 3.59 2.14
C GLN A 453 -14.63 4.21 1.38
N LYS A 454 -14.39 5.38 0.80
CA LYS A 454 -15.42 6.11 0.08
C LYS A 454 -14.91 7.19 -0.85
N ILE A 455 -15.59 7.37 -1.98
CA ILE A 455 -15.26 8.44 -2.90
C ILE A 455 -16.52 9.28 -3.03
N VAL A 456 -16.33 10.59 -3.09
CA VAL A 456 -17.44 11.52 -3.21
C VAL A 456 -17.44 12.05 -4.63
N ILE A 457 -18.57 11.90 -5.31
CA ILE A 457 -18.72 12.28 -6.71
C ILE A 457 -19.83 13.31 -6.96
N ASP A 458 -19.55 14.27 -7.84
CA ASP A 458 -20.53 15.28 -8.20
C ASP A 458 -21.47 14.63 -9.21
N ALA A 459 -22.73 14.48 -8.83
CA ALA A 459 -23.74 13.85 -9.68
C ALA A 459 -23.89 14.43 -11.09
N LYS A 460 -23.66 15.73 -11.25
CA LYS A 460 -23.82 16.34 -12.56
C LYS A 460 -22.56 16.38 -13.43
N THR A 461 -21.42 16.75 -12.85
CA THR A 461 -20.18 16.80 -13.61
C THR A 461 -19.58 15.40 -13.68
N ARG A 462 -19.96 14.55 -12.74
CA ARG A 462 -19.45 13.18 -12.68
C ARG A 462 -17.99 13.15 -12.22
N LYS A 463 -17.51 14.28 -11.67
CA LYS A 463 -16.15 14.39 -11.18
C LYS A 463 -16.00 13.93 -9.72
N VAL A 464 -14.86 13.34 -9.39
CA VAL A 464 -14.57 12.89 -8.03
C VAL A 464 -14.17 14.12 -7.22
N LEU A 465 -14.83 14.34 -6.10
CA LEU A 465 -14.56 15.52 -5.27
C LEU A 465 -13.77 15.21 -3.99
N GLY A 466 -13.70 13.92 -3.64
CA GLY A 466 -12.97 13.52 -2.45
C GLY A 466 -12.83 12.01 -2.36
N ALA A 467 -11.75 11.57 -1.70
CA ALA A 467 -11.47 10.14 -1.53
C ALA A 467 -11.02 9.93 -0.08
N HIS A 468 -11.48 8.84 0.52
CA HIS A 468 -11.17 8.54 1.91
C HIS A 468 -10.95 7.04 2.07
N HIS A 469 -9.96 6.67 2.87
CA HIS A 469 -9.66 5.26 3.05
C HIS A 469 -9.05 4.90 4.39
N VAL A 470 -9.52 3.81 4.96
CA VAL A 470 -9.02 3.30 6.23
C VAL A 470 -8.67 1.83 6.00
N GLY A 471 -7.41 1.49 6.25
CA GLY A 471 -6.95 0.14 6.04
C GLY A 471 -5.43 0.14 5.89
N TYR A 472 -4.94 -0.46 4.80
CA TYR A 472 -3.49 -0.51 4.53
C TYR A 472 -3.23 -0.57 3.03
N GLY A 473 -2.10 0.00 2.61
CA GLY A 473 -1.72 -0.02 1.21
C GLY A 473 -2.33 1.00 0.25
N ALA A 474 -2.96 2.06 0.76
CA ALA A 474 -3.55 3.08 -0.11
C ALA A 474 -2.83 4.43 -0.06
N LYS A 475 -2.07 4.66 1.01
CA LYS A 475 -1.34 5.91 1.17
C LYS A 475 -0.55 6.31 -0.08
N ASP A 476 0.26 5.40 -0.59
CA ASP A 476 1.07 5.67 -1.77
C ASP A 476 0.18 6.04 -2.95
N ALA A 477 -0.92 5.30 -3.10
CA ALA A 477 -1.86 5.53 -4.19
C ALA A 477 -2.45 6.95 -4.15
N PHE A 478 -2.76 7.44 -2.96
CA PHE A 478 -3.34 8.77 -2.82
C PHE A 478 -2.46 9.89 -3.38
N GLN A 479 -1.15 9.67 -3.43
CA GLN A 479 -0.23 10.67 -3.98
C GLN A 479 -0.55 10.87 -5.47
N TYR A 480 -0.72 9.76 -6.18
CA TYR A 480 -1.00 9.81 -7.61
C TYR A 480 -2.46 10.07 -7.92
N LEU A 481 -3.36 9.46 -7.13
CA LEU A 481 -4.78 9.66 -7.34
C LEU A 481 -5.11 11.16 -7.23
N ASN A 482 -4.48 11.84 -6.27
CA ASN A 482 -4.74 13.26 -6.09
C ASN A 482 -4.38 14.08 -7.33
N VAL A 483 -3.30 13.70 -8.02
CA VAL A 483 -2.90 14.41 -9.22
C VAL A 483 -3.99 14.24 -10.29
N LEU A 484 -4.49 13.03 -10.45
CA LEU A 484 -5.54 12.74 -11.43
C LEU A 484 -6.80 13.55 -11.10
N ILE A 485 -7.15 13.60 -9.82
CA ILE A 485 -8.32 14.34 -9.39
C ILE A 485 -8.17 15.84 -9.66
N LYS A 486 -6.98 16.38 -9.45
CA LYS A 486 -6.76 17.80 -9.70
C LYS A 486 -6.83 18.09 -11.20
N GLN A 487 -6.66 17.06 -12.02
CA GLN A 487 -6.70 17.24 -13.47
C GLN A 487 -8.13 17.06 -13.98
N GLY A 488 -9.05 16.75 -13.06
CA GLY A 488 -10.44 16.55 -13.45
C GLY A 488 -10.73 15.09 -13.80
N LEU A 489 -10.86 14.25 -12.77
CA LEU A 489 -11.14 12.83 -12.94
C LEU A 489 -12.62 12.52 -12.72
N THR A 490 -13.22 11.82 -13.68
CA THR A 490 -14.64 11.46 -13.57
C THR A 490 -14.79 9.98 -13.22
N VAL A 491 -15.98 9.60 -12.78
CA VAL A 491 -16.25 8.23 -12.41
C VAL A 491 -16.08 7.31 -13.63
N ASP A 492 -16.31 7.85 -14.82
CA ASP A 492 -16.17 7.06 -16.04
C ASP A 492 -14.70 6.78 -16.33
N GLU A 493 -13.85 7.80 -16.19
CA GLU A 493 -12.42 7.63 -16.42
C GLU A 493 -11.82 6.71 -15.36
N LEU A 494 -12.27 6.86 -14.11
CA LEU A 494 -11.80 6.02 -13.03
C LEU A 494 -12.21 4.58 -13.35
N GLY A 495 -13.44 4.42 -13.83
CA GLY A 495 -13.93 3.10 -14.17
C GLY A 495 -13.22 2.46 -15.35
N ASP A 496 -12.62 3.27 -16.21
CA ASP A 496 -11.92 2.73 -17.37
C ASP A 496 -10.47 2.34 -17.14
N MET A 497 -9.99 2.50 -15.91
CA MET A 497 -8.62 2.15 -15.58
C MET A 497 -8.48 0.64 -15.39
N ASP A 498 -7.23 0.18 -15.27
CA ASP A 498 -6.95 -1.24 -15.05
C ASP A 498 -6.64 -1.44 -13.57
N GLU A 499 -7.54 -2.12 -12.86
CA GLU A 499 -7.34 -2.36 -11.45
C GLU A 499 -6.41 -3.55 -11.25
N LEU A 500 -5.82 -3.64 -10.06
CA LEU A 500 -4.96 -4.76 -9.69
C LEU A 500 -5.64 -5.40 -8.48
N PHE A 501 -6.59 -6.26 -8.75
CA PHE A 501 -7.38 -6.95 -7.72
C PHE A 501 -6.55 -8.03 -7.00
N LEU A 502 -6.69 -8.16 -5.68
CA LEU A 502 -7.55 -7.34 -4.84
C LEU A 502 -6.80 -6.07 -4.50
N ASN A 503 -7.46 -4.93 -4.68
CA ASN A 503 -6.84 -3.63 -4.42
C ASN A 503 -7.28 -2.93 -3.13
N PRO A 504 -6.33 -2.30 -2.42
CA PRO A 504 -6.63 -1.58 -1.17
C PRO A 504 -7.79 -0.62 -1.42
N THR A 505 -7.76 0.09 -2.54
CA THR A 505 -8.85 0.97 -2.91
C THR A 505 -9.61 0.25 -4.01
N HIS A 506 -10.94 0.20 -3.89
CA HIS A 506 -11.77 -0.48 -4.89
C HIS A 506 -12.47 0.53 -5.80
N PHE A 507 -12.03 1.78 -5.74
CA PHE A 507 -12.62 2.86 -6.52
C PHE A 507 -12.82 2.57 -8.01
N ILE A 508 -11.85 1.91 -8.63
CA ILE A 508 -11.94 1.62 -10.05
C ILE A 508 -13.10 0.72 -10.47
N GLN A 509 -13.14 -0.51 -9.98
CA GLN A 509 -14.22 -1.41 -10.37
C GLN A 509 -15.58 -0.99 -9.83
N LEU A 510 -15.64 -0.38 -8.66
CA LEU A 510 -16.93 0.03 -8.13
C LEU A 510 -17.49 1.19 -8.95
N SER A 511 -16.60 2.05 -9.45
CA SER A 511 -17.01 3.16 -10.29
C SER A 511 -17.57 2.59 -11.59
N ARG A 512 -16.91 1.56 -12.10
CA ARG A 512 -17.33 0.91 -13.34
C ARG A 512 -18.75 0.36 -13.22
N LEU A 513 -19.10 -0.13 -12.03
CA LEU A 513 -20.42 -0.70 -11.79
C LEU A 513 -21.56 0.34 -11.90
N ARG A 514 -21.24 1.62 -11.73
CA ARG A 514 -22.25 2.66 -11.82
C ARG A 514 -22.12 3.58 -13.04
N ALA A 515 -20.93 3.64 -13.61
CA ALA A 515 -20.65 4.51 -14.75
C ALA A 515 -21.50 4.29 -16.00
N GLY A 516 -22.18 3.15 -16.09
CA GLY A 516 -23.00 2.88 -17.25
C GLY A 516 -24.29 3.68 -17.32
N SER A 517 -24.73 4.22 -16.18
CA SER A 517 -25.96 5.02 -16.14
C SER A 517 -25.68 6.50 -16.35
N LYS A 518 -26.55 7.15 -17.11
CA LYS A 518 -26.40 8.57 -17.39
C LYS A 518 -26.81 9.32 -16.13
N ASN A 519 -27.60 8.64 -15.31
CA ASN A 519 -28.08 9.18 -14.05
C ASN A 519 -27.39 8.36 -12.94
N LEU A 520 -26.40 8.96 -12.29
CA LEU A 520 -25.64 8.27 -11.25
C LEU A 520 -26.42 7.94 -9.98
N VAL A 521 -26.14 6.76 -9.45
CA VAL A 521 -26.77 6.27 -8.23
C VAL A 521 -25.67 5.74 -7.31
N SER A 522 -25.76 6.09 -6.03
CA SER A 522 -24.76 5.65 -5.07
C SER A 522 -24.72 4.14 -4.92
N LEU A 523 -23.59 3.66 -4.41
CA LEU A 523 -23.40 2.23 -4.18
C LEU A 523 -22.81 2.04 -2.79
N LYS B 2 -37.30 -28.14 -6.17
CA LYS B 2 -35.93 -28.03 -6.77
C LYS B 2 -35.69 -26.64 -7.36
N VAL B 3 -36.76 -25.87 -7.54
CA VAL B 3 -36.63 -24.53 -8.08
C VAL B 3 -37.20 -23.48 -7.12
N TRP B 4 -36.30 -22.67 -6.56
CA TRP B 4 -36.70 -21.62 -5.62
C TRP B 4 -36.84 -20.25 -6.29
N ASN B 5 -38.07 -19.76 -6.35
CA ASN B 5 -38.33 -18.46 -6.95
C ASN B 5 -38.00 -17.38 -5.92
N ALA B 6 -36.78 -16.86 -5.97
CA ALA B 6 -36.31 -15.86 -5.02
C ALA B 6 -36.59 -14.40 -5.42
N ARG B 7 -37.14 -14.21 -6.62
CA ARG B 7 -37.43 -12.86 -7.12
C ARG B 7 -38.01 -11.89 -6.09
N ASN B 8 -39.10 -12.29 -5.44
CA ASN B 8 -39.74 -11.41 -4.47
C ASN B 8 -39.19 -11.55 -3.06
N ASP B 9 -38.14 -12.35 -2.89
CA ASP B 9 -37.52 -12.52 -1.59
C ASP B 9 -36.39 -11.51 -1.48
N HIS B 10 -36.15 -11.02 -0.27
CA HIS B 10 -35.11 -10.04 -0.05
C HIS B 10 -34.24 -10.43 1.13
N LEU B 11 -33.19 -11.20 0.86
CA LEU B 11 -32.29 -11.65 1.90
C LEU B 11 -31.19 -10.63 2.16
N THR B 12 -30.69 -10.60 3.39
CA THR B 12 -29.61 -9.69 3.72
C THR B 12 -28.32 -10.34 3.23
N ILE B 13 -27.21 -9.63 3.37
CA ILE B 13 -25.92 -10.16 2.95
C ILE B 13 -25.61 -11.43 3.74
N ASN B 14 -25.83 -11.37 5.04
CA ASN B 14 -25.56 -12.51 5.91
C ASN B 14 -26.55 -13.65 5.72
N GLN B 15 -27.78 -13.33 5.33
CA GLN B 15 -28.77 -14.38 5.10
C GLN B 15 -28.43 -15.09 3.80
N TRP B 16 -27.93 -14.32 2.83
CA TRP B 16 -27.53 -14.89 1.56
C TRP B 16 -26.34 -15.81 1.79
N ALA B 17 -25.40 -15.35 2.61
CA ALA B 17 -24.21 -16.13 2.93
C ALA B 17 -24.62 -17.50 3.47
N THR B 18 -25.54 -17.48 4.44
CA THR B 18 -26.02 -18.72 5.05
C THR B 18 -26.75 -19.61 4.04
N ARG B 19 -27.64 -19.03 3.25
CA ARG B 19 -28.39 -19.81 2.26
C ARG B 19 -27.47 -20.47 1.23
N ILE B 20 -26.46 -19.73 0.79
CA ILE B 20 -25.52 -20.25 -0.19
C ILE B 20 -24.73 -21.43 0.39
N ASP B 21 -24.28 -21.28 1.62
CA ASP B 21 -23.51 -22.34 2.27
C ASP B 21 -24.36 -23.61 2.33
N GLU B 22 -25.63 -23.43 2.70
CA GLU B 22 -26.54 -24.57 2.80
C GLU B 22 -26.73 -25.27 1.46
N ILE B 23 -26.88 -24.49 0.40
CA ILE B 23 -27.06 -25.07 -0.93
C ILE B 23 -25.79 -25.80 -1.37
N LEU B 24 -24.63 -25.25 -1.02
CA LEU B 24 -23.35 -25.84 -1.35
C LEU B 24 -23.11 -27.16 -0.62
N GLU B 25 -23.64 -27.24 0.60
CA GLU B 25 -23.49 -28.44 1.42
C GLU B 25 -24.63 -29.42 1.18
N ALA B 26 -25.68 -28.96 0.51
CA ALA B 26 -26.84 -29.80 0.23
C ALA B 26 -26.43 -31.07 -0.51
N PRO B 27 -26.64 -32.24 0.12
CA PRO B 27 -26.28 -33.52 -0.50
C PRO B 27 -27.00 -33.79 -1.82
N ASP B 28 -28.25 -33.38 -1.92
CA ASP B 28 -29.03 -33.59 -3.14
C ASP B 28 -28.64 -32.61 -4.25
N GLY B 29 -27.77 -31.66 -3.93
CA GLY B 29 -27.35 -30.70 -4.92
C GLY B 29 -27.88 -29.29 -4.67
N GLY B 30 -29.01 -29.21 -3.97
CA GLY B 30 -29.58 -27.92 -3.66
C GLY B 30 -30.59 -27.45 -4.68
N GLU B 31 -31.38 -26.44 -4.31
CA GLU B 31 -32.41 -25.90 -5.19
C GLU B 31 -31.82 -24.90 -6.18
N VAL B 32 -32.57 -24.65 -7.25
CA VAL B 32 -32.17 -23.70 -8.27
C VAL B 32 -32.58 -22.32 -7.78
N ILE B 33 -31.68 -21.34 -7.91
CA ILE B 33 -32.00 -19.98 -7.49
C ILE B 33 -32.49 -19.22 -8.72
N TYR B 34 -33.82 -19.08 -8.79
CA TYR B 34 -34.49 -18.42 -9.91
C TYR B 34 -34.87 -16.98 -9.56
N ASN B 35 -34.18 -16.03 -10.18
CA ASN B 35 -34.43 -14.61 -9.96
C ASN B 35 -34.71 -13.92 -11.30
N VAL B 36 -35.92 -14.15 -11.81
CA VAL B 36 -36.34 -13.58 -13.09
C VAL B 36 -37.60 -12.73 -12.92
N ASP B 37 -37.66 -11.61 -13.62
CA ASP B 37 -38.81 -10.72 -13.56
C ASP B 37 -39.77 -11.16 -14.66
N GLU B 38 -40.76 -11.96 -14.28
CA GLU B 38 -41.72 -12.47 -15.25
C GLU B 38 -42.78 -11.47 -15.69
N ASN B 39 -42.75 -10.26 -15.11
CA ASN B 39 -43.71 -9.22 -15.47
C ASN B 39 -43.13 -8.31 -16.55
N ASP B 40 -41.81 -8.33 -16.70
CA ASP B 40 -41.13 -7.50 -17.70
C ASP B 40 -41.39 -8.12 -19.07
N PRO B 41 -42.05 -7.37 -19.97
CA PRO B 41 -42.36 -7.84 -21.32
C PRO B 41 -41.21 -7.75 -22.33
N ARG B 42 -40.18 -6.98 -22.00
CA ARG B 42 -39.04 -6.81 -22.90
C ARG B 42 -38.27 -8.09 -23.22
N GLU B 43 -37.69 -8.12 -24.42
CA GLU B 43 -36.88 -9.26 -24.84
C GLU B 43 -35.47 -9.06 -24.28
N TYR B 44 -34.77 -10.15 -24.04
CA TYR B 44 -33.41 -10.08 -23.50
C TYR B 44 -32.42 -9.61 -24.56
N ASP B 45 -31.66 -8.55 -24.26
CA ASP B 45 -30.66 -8.06 -25.20
C ASP B 45 -29.53 -9.07 -25.23
N ALA B 46 -29.25 -9.67 -24.09
CA ALA B 46 -28.20 -10.67 -24.01
C ALA B 46 -28.37 -11.62 -22.83
N ILE B 47 -27.98 -12.88 -23.05
CA ILE B 47 -28.02 -13.88 -22.02
C ILE B 47 -26.56 -14.21 -21.79
N PHE B 48 -26.11 -14.08 -20.54
CA PHE B 48 -24.72 -14.38 -20.21
C PHE B 48 -24.57 -15.81 -19.73
N ILE B 49 -23.69 -16.56 -20.38
CA ILE B 49 -23.45 -17.94 -19.97
C ILE B 49 -22.27 -17.83 -19.01
N GLY B 50 -22.57 -17.83 -17.71
CA GLY B 50 -21.55 -17.71 -16.70
C GLY B 50 -21.71 -16.35 -16.02
N GLY B 51 -21.67 -16.35 -14.69
CA GLY B 51 -21.84 -15.11 -13.96
C GLY B 51 -20.64 -14.73 -13.10
N GLY B 52 -19.45 -15.00 -13.62
CA GLY B 52 -18.23 -14.67 -12.88
C GLY B 52 -17.87 -13.21 -13.09
N ALA B 53 -16.59 -12.88 -12.99
CA ALA B 53 -16.14 -11.51 -13.15
C ALA B 53 -16.64 -10.87 -14.45
N ALA B 54 -16.41 -11.55 -15.57
CA ALA B 54 -16.83 -11.04 -16.87
C ALA B 54 -18.35 -10.97 -17.02
N GLY B 55 -19.03 -12.06 -16.68
CA GLY B 55 -20.48 -12.08 -16.79
C GLY B 55 -21.23 -11.16 -15.85
N ARG B 56 -20.78 -11.06 -14.62
CA ARG B 56 -21.44 -10.21 -13.64
C ARG B 56 -21.26 -8.73 -13.97
N PHE B 57 -20.04 -8.34 -14.35
CA PHE B 57 -19.77 -6.95 -14.69
C PHE B 57 -20.43 -6.56 -16.00
N GLY B 58 -20.39 -7.47 -16.98
CA GLY B 58 -21.01 -7.19 -18.26
C GLY B 58 -22.50 -6.96 -18.05
N SER B 59 -23.13 -7.80 -17.22
CA SER B 59 -24.55 -7.65 -16.94
C SER B 59 -24.83 -6.34 -16.22
N ALA B 60 -23.98 -6.02 -15.25
CA ALA B 60 -24.13 -4.79 -14.48
C ALA B 60 -24.12 -3.58 -15.40
N TYR B 61 -23.15 -3.55 -16.31
CA TYR B 61 -23.02 -2.45 -17.23
C TYR B 61 -24.17 -2.40 -18.25
N LEU B 62 -24.58 -3.56 -18.75
CA LEU B 62 -25.67 -3.62 -19.71
C LEU B 62 -26.98 -3.13 -19.08
N ARG B 63 -27.24 -3.60 -17.87
CA ARG B 63 -28.44 -3.19 -17.15
C ARG B 63 -28.37 -1.68 -16.89
N ALA B 64 -27.19 -1.21 -16.49
CA ALA B 64 -26.99 0.20 -16.21
C ALA B 64 -27.31 1.07 -17.44
N MET B 65 -27.02 0.55 -18.64
CA MET B 65 -27.29 1.27 -19.87
C MET B 65 -28.78 1.21 -20.25
N GLY B 66 -29.57 0.49 -19.46
CA GLY B 66 -30.98 0.37 -19.72
C GLY B 66 -31.44 -0.84 -20.52
N GLY B 67 -30.55 -1.82 -20.71
CA GLY B 67 -30.93 -3.00 -21.47
C GLY B 67 -31.34 -4.14 -20.55
N ARG B 68 -31.83 -5.23 -21.13
CA ARG B 68 -32.24 -6.38 -20.32
C ARG B 68 -31.28 -7.56 -20.47
N GLN B 69 -30.90 -8.16 -19.34
CA GLN B 69 -29.99 -9.28 -19.33
C GLN B 69 -30.44 -10.42 -18.43
N LEU B 70 -29.79 -11.56 -18.61
CA LEU B 70 -30.07 -12.73 -17.81
C LEU B 70 -28.76 -13.50 -17.66
N ILE B 71 -28.42 -13.83 -16.42
CA ILE B 71 -27.21 -14.61 -16.15
C ILE B 71 -27.64 -16.01 -15.76
N VAL B 72 -26.86 -17.00 -16.21
CA VAL B 72 -27.11 -18.39 -15.87
C VAL B 72 -25.75 -18.95 -15.41
N ASP B 73 -25.69 -19.43 -14.18
CA ASP B 73 -24.45 -19.97 -13.64
C ASP B 73 -24.69 -21.25 -12.86
N ARG B 74 -23.82 -22.24 -13.07
CA ARG B 74 -23.97 -23.52 -12.38
C ARG B 74 -23.69 -23.45 -10.89
N TRP B 75 -23.09 -22.36 -10.43
CA TRP B 75 -22.82 -22.18 -9.01
C TRP B 75 -23.96 -21.38 -8.37
N PRO B 76 -24.21 -21.61 -7.07
CA PRO B 76 -25.27 -20.92 -6.31
C PRO B 76 -24.93 -19.48 -5.90
N PHE B 77 -23.83 -18.96 -6.45
CA PHE B 77 -23.38 -17.60 -6.14
C PHE B 77 -22.81 -16.97 -7.40
N LEU B 78 -22.71 -15.64 -7.39
CA LEU B 78 -22.14 -14.89 -8.49
C LEU B 78 -20.71 -14.49 -8.10
N GLY B 79 -19.90 -14.13 -9.07
CA GLY B 79 -18.53 -13.75 -8.76
C GLY B 79 -17.50 -14.70 -9.34
N GLY B 80 -17.93 -15.90 -9.69
CA GLY B 80 -17.04 -16.86 -10.29
C GLY B 80 -15.95 -17.45 -9.40
N SER B 81 -14.85 -17.84 -10.04
CA SER B 81 -13.73 -18.45 -9.34
C SER B 81 -13.04 -17.54 -8.33
N CYS B 82 -13.01 -16.24 -8.60
CA CYS B 82 -12.35 -15.29 -7.72
C CYS B 82 -12.63 -15.49 -6.22
N PRO B 83 -13.90 -15.41 -5.79
CA PRO B 83 -14.18 -15.60 -4.37
C PRO B 83 -14.19 -17.05 -3.91
N HIS B 84 -14.41 -17.99 -4.83
CA HIS B 84 -14.49 -19.40 -4.45
C HIS B 84 -13.18 -20.18 -4.40
N ASN B 85 -12.27 -19.93 -5.33
CA ASN B 85 -11.00 -20.67 -5.34
C ASN B 85 -9.85 -19.99 -6.08
N ALA B 86 -9.97 -18.69 -6.37
CA ALA B 86 -8.91 -18.00 -7.09
C ALA B 86 -8.27 -16.82 -6.36
N CYS B 87 -8.54 -15.61 -6.83
CA CYS B 87 -7.97 -14.38 -6.27
C CYS B 87 -8.08 -14.24 -4.76
N VAL B 88 -9.30 -14.42 -4.24
CA VAL B 88 -9.53 -14.25 -2.81
C VAL B 88 -8.70 -15.18 -1.92
N PRO B 89 -8.84 -16.51 -2.10
CA PRO B 89 -8.03 -17.39 -1.25
C PRO B 89 -6.53 -17.13 -1.41
N HIS B 90 -6.12 -16.81 -2.64
CA HIS B 90 -4.73 -16.52 -2.94
C HIS B 90 -4.21 -15.35 -2.11
N HIS B 91 -5.03 -14.31 -1.95
CA HIS B 91 -4.60 -13.16 -1.17
C HIS B 91 -4.59 -13.47 0.34
N LEU B 92 -5.45 -14.38 0.77
CA LEU B 92 -5.46 -14.74 2.18
C LEU B 92 -4.13 -15.42 2.46
N PHE B 93 -3.75 -16.34 1.58
CA PHE B 93 -2.50 -17.08 1.72
C PHE B 93 -1.27 -16.17 1.67
N SER B 94 -1.29 -15.20 0.78
CA SER B 94 -0.17 -14.27 0.64
C SER B 94 0.00 -13.42 1.88
N ASP B 95 -1.11 -13.04 2.50
CA ASP B 95 -1.08 -12.26 3.73
C ASP B 95 -0.33 -13.07 4.77
N CYS B 96 -0.68 -14.36 4.88
CA CYS B 96 -0.04 -15.26 5.82
C CYS B 96 1.44 -15.37 5.54
N ALA B 97 1.79 -15.48 4.25
CA ALA B 97 3.18 -15.61 3.84
C ALA B 97 4.01 -14.40 4.30
N ALA B 98 3.47 -13.21 4.12
CA ALA B 98 4.17 -11.98 4.51
C ALA B 98 4.32 -11.89 6.02
N GLU B 99 3.25 -12.22 6.75
CA GLU B 99 3.26 -12.16 8.19
C GLU B 99 4.20 -13.18 8.80
N LEU B 100 4.24 -14.37 8.19
CA LEU B 100 5.10 -15.43 8.67
C LEU B 100 6.57 -15.11 8.45
N MET B 101 6.89 -14.49 7.33
CA MET B 101 8.29 -14.13 7.09
C MET B 101 8.73 -13.15 8.18
N LEU B 102 7.86 -12.20 8.50
CA LEU B 102 8.19 -11.23 9.55
C LEU B 102 8.42 -11.95 10.87
N ALA B 103 7.48 -12.81 11.25
CA ALA B 103 7.58 -13.56 12.50
C ALA B 103 8.82 -14.44 12.57
N ARG B 104 9.19 -15.06 11.45
CA ARG B 104 10.37 -15.92 11.46
C ARG B 104 11.64 -15.09 11.53
N THR B 105 11.66 -13.92 10.89
CA THR B 105 12.83 -13.06 10.89
C THR B 105 13.13 -12.53 12.29
N PHE B 106 12.08 -12.17 13.03
CA PHE B 106 12.26 -11.64 14.38
C PHE B 106 11.80 -12.63 15.44
N SER B 107 11.90 -13.92 15.12
CA SER B 107 11.51 -14.99 16.02
C SER B 107 12.00 -14.77 17.44
N GLY B 108 11.07 -14.79 18.39
CA GLY B 108 11.41 -14.62 19.79
C GLY B 108 11.49 -13.17 20.26
N GLN B 109 12.12 -12.33 19.45
CA GLN B 109 12.28 -10.92 19.78
C GLN B 109 10.95 -10.18 19.99
N TYR B 110 10.98 -9.20 20.88
CA TYR B 110 9.80 -8.40 21.21
C TYR B 110 8.58 -9.26 21.48
N TRP B 111 7.50 -9.02 20.76
CA TRP B 111 6.27 -9.79 20.96
C TRP B 111 6.18 -11.03 20.08
N PHE B 112 7.17 -11.23 19.22
CA PHE B 112 7.15 -12.38 18.33
C PHE B 112 7.54 -13.68 19.04
N PRO B 113 6.73 -14.74 18.86
CA PRO B 113 7.01 -16.03 19.48
C PRO B 113 8.16 -16.72 18.77
N ASP B 114 8.65 -17.81 19.36
CA ASP B 114 9.75 -18.57 18.77
C ASP B 114 9.23 -19.40 17.60
N MET B 115 9.76 -19.16 16.41
CA MET B 115 9.31 -19.89 15.22
C MET B 115 10.21 -21.06 14.86
N THR B 116 11.34 -21.17 15.54
CA THR B 116 12.27 -22.25 15.26
C THR B 116 11.56 -23.59 15.48
N GLU B 117 11.61 -24.45 14.47
CA GLU B 117 10.96 -25.76 14.55
C GLU B 117 9.45 -25.60 14.67
N LYS B 118 8.93 -24.48 14.17
CA LYS B 118 7.50 -24.22 14.22
C LYS B 118 6.87 -24.37 12.83
N VAL B 119 5.97 -25.34 12.71
CA VAL B 119 5.30 -25.59 11.44
C VAL B 119 3.83 -25.18 11.54
N VAL B 120 3.42 -24.29 10.65
CA VAL B 120 2.05 -23.79 10.62
C VAL B 120 1.16 -24.76 9.84
N GLY B 121 -0.04 -24.98 10.35
CA GLY B 121 -0.96 -25.90 9.70
C GLY B 121 -1.59 -25.35 8.44
N ILE B 122 -1.29 -25.97 7.31
CA ILE B 122 -1.85 -25.55 6.03
C ILE B 122 -3.36 -25.77 6.02
N LYS B 123 -3.81 -26.96 6.42
CA LYS B 123 -5.23 -27.27 6.44
C LYS B 123 -6.00 -26.29 7.32
N GLU B 124 -5.36 -25.81 8.38
CA GLU B 124 -5.99 -24.85 9.29
C GLU B 124 -6.38 -23.59 8.52
N VAL B 125 -5.44 -23.09 7.72
CA VAL B 125 -5.67 -21.88 6.93
C VAL B 125 -6.71 -22.11 5.84
N VAL B 126 -6.61 -23.23 5.15
CA VAL B 126 -7.57 -23.54 4.10
C VAL B 126 -8.96 -23.66 4.72
N ASP B 127 -9.03 -24.27 5.90
CA ASP B 127 -10.31 -24.42 6.60
C ASP B 127 -10.84 -23.03 6.95
N LEU B 128 -9.96 -22.12 7.29
CA LEU B 128 -10.36 -20.75 7.62
C LEU B 128 -11.02 -20.15 6.38
N PHE B 129 -10.40 -20.38 5.22
CA PHE B 129 -10.95 -19.85 3.97
C PHE B 129 -12.33 -20.45 3.67
N ARG B 130 -12.43 -21.77 3.72
CA ARG B 130 -13.70 -22.46 3.47
C ARG B 130 -14.78 -21.96 4.41
N ALA B 131 -14.42 -21.73 5.67
CA ALA B 131 -15.39 -21.25 6.66
C ALA B 131 -15.90 -19.85 6.39
N GLY B 132 -15.10 -19.01 5.74
CA GLY B 132 -15.54 -17.64 5.50
C GLY B 132 -15.78 -17.20 4.07
N ARG B 133 -15.55 -18.08 3.09
CA ARG B 133 -15.73 -17.67 1.71
C ARG B 133 -17.17 -17.31 1.34
N ASN B 134 -18.12 -17.75 2.14
CA ASN B 134 -19.53 -17.46 1.88
C ASN B 134 -19.86 -15.99 2.14
N GLY B 135 -19.01 -15.32 2.91
CA GLY B 135 -19.24 -13.90 3.17
C GLY B 135 -19.24 -13.16 1.86
N PRO B 136 -18.14 -13.22 1.09
CA PRO B 136 -18.08 -12.52 -0.20
C PRO B 136 -19.21 -12.98 -1.13
N HIS B 137 -19.51 -14.28 -1.11
CA HIS B 137 -20.56 -14.85 -1.94
C HIS B 137 -21.88 -14.15 -1.66
N GLY B 138 -22.18 -13.98 -0.37
CA GLY B 138 -23.41 -13.33 0.04
C GLY B 138 -23.52 -11.90 -0.46
N ILE B 139 -22.42 -11.15 -0.39
CA ILE B 139 -22.43 -9.78 -0.85
C ILE B 139 -22.70 -9.75 -2.35
N MET B 140 -22.08 -10.66 -3.08
CA MET B 140 -22.25 -10.73 -4.53
C MET B 140 -23.71 -10.96 -4.93
N ASN B 141 -24.36 -11.95 -4.33
CA ASN B 141 -25.77 -12.21 -4.65
C ASN B 141 -26.62 -11.02 -4.25
N PHE B 142 -26.33 -10.45 -3.09
CA PHE B 142 -27.08 -9.31 -2.59
C PHE B 142 -26.90 -8.06 -3.46
N GLN B 143 -25.65 -7.68 -3.67
CA GLN B 143 -25.34 -6.49 -4.48
C GLN B 143 -25.93 -6.63 -5.88
N SER B 144 -25.76 -7.81 -6.46
CA SER B 144 -26.26 -8.07 -7.82
C SER B 144 -27.77 -7.92 -7.93
N LYS B 145 -28.50 -8.49 -6.97
CA LYS B 145 -29.95 -8.44 -6.98
C LYS B 145 -30.55 -7.14 -6.48
N GLU B 146 -30.14 -6.71 -5.30
CA GLU B 146 -30.67 -5.49 -4.70
C GLU B 146 -30.09 -4.16 -5.18
N GLN B 147 -28.81 -4.14 -5.54
CA GLN B 147 -28.19 -2.89 -5.98
C GLN B 147 -27.97 -2.72 -7.48
N LEU B 148 -27.71 -3.82 -8.18
CA LEU B 148 -27.47 -3.75 -9.62
C LEU B 148 -28.68 -4.13 -10.47
N ASN B 149 -29.75 -4.55 -9.82
CA ASN B 149 -30.99 -4.94 -10.48
C ASN B 149 -30.79 -5.98 -11.57
N LEU B 150 -29.98 -6.99 -11.28
CA LEU B 150 -29.73 -8.03 -12.26
C LEU B 150 -30.70 -9.21 -12.14
N GLU B 151 -30.92 -9.87 -13.26
CA GLU B 151 -31.76 -11.07 -13.32
C GLU B 151 -30.78 -12.23 -13.45
N TYR B 152 -31.04 -13.31 -12.73
CA TYR B 152 -30.16 -14.45 -12.81
C TYR B 152 -30.74 -15.75 -12.30
N ILE B 153 -30.19 -16.85 -12.81
CA ILE B 153 -30.60 -18.19 -12.41
C ILE B 153 -29.30 -18.89 -12.01
N LEU B 154 -29.16 -19.18 -10.72
CA LEU B 154 -27.96 -19.80 -10.19
C LEU B 154 -28.15 -21.26 -9.79
N ASN B 155 -27.03 -21.96 -9.62
CA ASN B 155 -27.02 -23.38 -9.25
C ASN B 155 -27.72 -24.18 -10.35
N CYS B 156 -27.47 -23.78 -11.59
CA CYS B 156 -28.08 -24.44 -12.75
C CYS B 156 -27.20 -24.33 -13.97
N PRO B 157 -26.73 -25.47 -14.50
CA PRO B 157 -25.87 -25.45 -15.68
C PRO B 157 -26.70 -25.00 -16.87
N ALA B 158 -26.13 -24.17 -17.74
CA ALA B 158 -26.89 -23.67 -18.89
C ALA B 158 -26.84 -24.65 -20.07
N LYS B 159 -27.95 -24.74 -20.78
CA LYS B 159 -28.02 -25.60 -21.96
C LYS B 159 -28.26 -24.68 -23.15
N VAL B 160 -27.20 -24.40 -23.90
CA VAL B 160 -27.32 -23.53 -25.06
C VAL B 160 -27.91 -24.30 -26.25
N ILE B 161 -29.09 -23.88 -26.71
CA ILE B 161 -29.74 -24.54 -27.84
C ILE B 161 -29.11 -24.05 -29.13
N ASP B 162 -29.18 -22.75 -29.38
CA ASP B 162 -28.60 -22.16 -30.57
C ASP B 162 -28.14 -20.74 -30.24
N ASN B 163 -27.75 -19.96 -31.24
CA ASN B 163 -27.26 -18.61 -30.97
C ASN B 163 -28.28 -17.60 -30.45
N HIS B 164 -29.52 -18.03 -30.23
CA HIS B 164 -30.55 -17.14 -29.70
C HIS B 164 -31.41 -17.84 -28.67
N THR B 165 -31.04 -19.08 -28.34
CA THR B 165 -31.83 -19.87 -27.41
C THR B 165 -31.02 -20.58 -26.32
N VAL B 166 -31.52 -20.50 -25.10
CA VAL B 166 -30.87 -21.12 -23.95
C VAL B 166 -31.91 -21.67 -22.98
N GLU B 167 -31.64 -22.86 -22.46
CA GLU B 167 -32.53 -23.48 -21.50
C GLU B 167 -31.94 -23.39 -20.09
N ALA B 168 -32.78 -22.98 -19.14
CA ALA B 168 -32.36 -22.85 -17.76
C ALA B 168 -33.55 -23.08 -16.84
N ALA B 169 -33.32 -23.79 -15.74
CA ALA B 169 -34.39 -24.08 -14.78
C ALA B 169 -35.57 -24.75 -15.49
N GLY B 170 -35.26 -25.56 -16.49
CA GLY B 170 -36.30 -26.26 -17.22
C GLY B 170 -37.16 -25.39 -18.09
N LYS B 171 -36.67 -24.19 -18.44
CA LYS B 171 -37.41 -23.28 -19.29
C LYS B 171 -36.56 -22.82 -20.46
N VAL B 172 -37.20 -22.32 -21.51
CA VAL B 172 -36.50 -21.83 -22.68
C VAL B 172 -36.51 -20.31 -22.72
N PHE B 173 -35.33 -19.72 -22.97
CA PHE B 173 -35.22 -18.26 -23.05
C PHE B 173 -34.62 -17.86 -24.40
N LYS B 174 -35.14 -16.77 -24.95
CA LYS B 174 -34.65 -16.26 -26.23
C LYS B 174 -33.94 -14.93 -25.96
N ALA B 175 -32.94 -14.63 -26.76
CA ALA B 175 -32.19 -13.38 -26.60
C ALA B 175 -31.67 -12.91 -27.94
N LYS B 176 -31.39 -11.62 -28.05
CA LYS B 176 -30.87 -11.06 -29.28
C LYS B 176 -29.40 -11.45 -29.44
N ASN B 177 -28.74 -11.66 -28.31
CA ASN B 177 -27.33 -12.02 -28.31
C ASN B 177 -26.97 -12.97 -27.17
N LEU B 178 -25.83 -13.61 -27.32
CA LEU B 178 -25.29 -14.51 -26.30
C LEU B 178 -23.90 -14.01 -25.97
N ILE B 179 -23.57 -13.99 -24.67
CA ILE B 179 -22.25 -13.57 -24.23
C ILE B 179 -21.71 -14.74 -23.45
N LEU B 180 -20.70 -15.40 -24.03
CA LEU B 180 -20.08 -16.57 -23.41
C LEU B 180 -19.04 -16.14 -22.37
N ALA B 181 -19.25 -16.53 -21.12
CA ALA B 181 -18.33 -16.15 -20.05
C ALA B 181 -18.14 -17.29 -19.04
N VAL B 182 -17.81 -18.47 -19.55
CA VAL B 182 -17.61 -19.64 -18.72
C VAL B 182 -16.18 -19.80 -18.20
N GLY B 183 -15.32 -18.83 -18.52
CA GLY B 183 -13.94 -18.86 -18.05
C GLY B 183 -13.05 -20.02 -18.49
N ALA B 184 -12.10 -20.37 -17.61
CA ALA B 184 -11.16 -21.44 -17.90
C ALA B 184 -11.01 -22.41 -16.72
N GLY B 185 -10.51 -23.61 -17.00
CA GLY B 185 -10.33 -24.61 -15.97
C GLY B 185 -8.88 -24.94 -15.73
N PRO B 186 -8.55 -25.58 -14.61
CA PRO B 186 -7.18 -25.95 -14.25
C PRO B 186 -6.47 -26.76 -15.32
N GLY B 187 -5.19 -26.45 -15.55
CA GLY B 187 -4.42 -27.17 -16.54
C GLY B 187 -4.17 -28.59 -16.05
N THR B 188 -4.03 -29.53 -16.97
CA THR B 188 -3.79 -30.92 -16.62
C THR B 188 -2.34 -31.33 -16.87
N LEU B 189 -1.85 -32.29 -16.11
CA LEU B 189 -0.49 -32.77 -16.27
C LEU B 189 -0.52 -34.24 -16.68
N ASP B 190 -0.05 -34.53 -17.89
CA ASP B 190 -0.04 -35.89 -18.42
C ASP B 190 1.10 -36.79 -17.97
N VAL B 191 1.06 -37.19 -16.70
CA VAL B 191 2.09 -38.07 -16.16
C VAL B 191 1.40 -39.09 -15.25
N PRO B 192 2.00 -40.27 -15.08
CA PRO B 192 1.40 -41.28 -14.21
C PRO B 192 1.39 -40.82 -12.76
N GLY B 193 0.33 -41.17 -12.03
CA GLY B 193 0.23 -40.79 -10.63
C GLY B 193 -0.41 -39.43 -10.40
N VAL B 194 -0.70 -38.70 -11.48
CA VAL B 194 -1.29 -37.37 -11.34
C VAL B 194 -2.62 -37.36 -10.58
N ASN B 195 -3.29 -38.51 -10.52
CA ASN B 195 -4.58 -38.59 -9.82
C ASN B 195 -4.44 -39.17 -8.42
N ALA B 196 -3.20 -39.35 -7.97
CA ALA B 196 -2.97 -39.88 -6.64
C ALA B 196 -3.49 -38.88 -5.60
N LYS B 197 -3.85 -39.38 -4.42
CA LYS B 197 -4.33 -38.52 -3.36
C LYS B 197 -3.14 -37.72 -2.85
N GLY B 198 -3.30 -36.40 -2.78
CA GLY B 198 -2.21 -35.55 -2.33
C GLY B 198 -1.77 -34.61 -3.43
N VAL B 199 -2.34 -34.79 -4.62
CA VAL B 199 -2.02 -33.92 -5.76
C VAL B 199 -3.16 -32.92 -5.86
N PHE B 200 -2.84 -31.63 -5.78
CA PHE B 200 -3.84 -30.58 -5.81
C PHE B 200 -3.51 -29.45 -6.78
N ASP B 201 -4.54 -28.66 -7.07
CA ASP B 201 -4.42 -27.46 -7.89
C ASP B 201 -5.23 -26.44 -7.08
N HIS B 202 -5.28 -25.18 -7.51
CA HIS B 202 -6.01 -24.18 -6.75
C HIS B 202 -7.46 -24.54 -6.46
N ALA B 203 -8.13 -25.21 -7.41
CA ALA B 203 -9.52 -25.59 -7.23
C ALA B 203 -9.77 -26.71 -6.24
N THR B 204 -9.02 -27.81 -6.34
CA THR B 204 -9.23 -28.93 -5.44
C THR B 204 -8.63 -28.71 -4.05
N LEU B 205 -7.66 -27.81 -3.94
CA LEU B 205 -7.02 -27.53 -2.64
C LEU B 205 -8.03 -27.03 -1.62
N VAL B 206 -8.96 -26.19 -2.06
CA VAL B 206 -9.96 -25.65 -1.15
C VAL B 206 -11.24 -26.50 -1.09
N GLU B 207 -11.18 -27.71 -1.64
CA GLU B 207 -12.34 -28.59 -1.62
C GLU B 207 -12.01 -29.98 -1.09
N GLU B 208 -10.79 -30.46 -1.33
CA GLU B 208 -10.45 -31.81 -0.91
C GLU B 208 -9.27 -32.03 0.04
N LEU B 209 -8.82 -31.00 0.74
CA LEU B 209 -7.70 -31.17 1.65
C LEU B 209 -8.18 -31.72 2.99
N ASP B 210 -8.16 -33.03 3.14
CA ASP B 210 -8.63 -33.66 4.37
C ASP B 210 -7.51 -34.13 5.30
N TYR B 211 -6.29 -33.68 5.04
CA TYR B 211 -5.17 -34.06 5.89
C TYR B 211 -4.17 -32.91 5.94
N GLU B 212 -3.24 -32.97 6.89
CA GLU B 212 -2.21 -31.94 7.01
C GLU B 212 -0.96 -32.46 6.33
N PRO B 213 -0.46 -31.72 5.33
CA PRO B 213 0.74 -32.05 4.55
C PRO B 213 2.01 -32.29 5.37
N GLY B 214 2.90 -33.12 4.84
CA GLY B 214 4.16 -33.42 5.49
C GLY B 214 5.13 -32.26 5.49
N SER B 215 6.40 -32.56 5.73
CA SER B 215 7.46 -31.54 5.81
C SER B 215 7.99 -31.01 4.48
N THR B 216 7.68 -31.70 3.39
CA THR B 216 8.15 -31.26 2.08
C THR B 216 6.99 -31.03 1.13
N VAL B 217 7.12 -30.00 0.31
CA VAL B 217 6.09 -29.65 -0.65
C VAL B 217 6.71 -29.47 -2.03
N VAL B 218 6.07 -30.05 -3.04
CA VAL B 218 6.56 -29.90 -4.40
C VAL B 218 5.54 -29.11 -5.20
N VAL B 219 5.98 -27.99 -5.78
CA VAL B 219 5.11 -27.15 -6.57
C VAL B 219 5.58 -27.28 -8.02
N VAL B 220 4.62 -27.50 -8.92
CA VAL B 220 4.95 -27.65 -10.33
C VAL B 220 4.46 -26.43 -11.11
N GLY B 221 5.39 -25.71 -11.71
CA GLY B 221 5.04 -24.53 -12.46
C GLY B 221 5.83 -23.32 -12.01
N GLY B 222 5.92 -22.31 -12.87
CA GLY B 222 6.65 -21.10 -12.54
C GLY B 222 5.75 -19.87 -12.67
N SER B 223 4.45 -20.12 -12.73
CA SER B 223 3.46 -19.08 -12.86
C SER B 223 3.35 -18.23 -11.59
N LYS B 224 2.41 -17.30 -11.61
CA LYS B 224 2.18 -16.44 -10.45
C LYS B 224 1.63 -17.33 -9.35
N THR B 225 0.63 -18.11 -9.70
CA THR B 225 -0.04 -19.02 -8.76
C THR B 225 0.95 -19.97 -8.08
N ALA B 226 1.84 -20.56 -8.87
CA ALA B 226 2.83 -21.48 -8.33
C ALA B 226 3.74 -20.76 -7.35
N VAL B 227 4.17 -19.55 -7.70
CA VAL B 227 5.04 -18.77 -6.83
C VAL B 227 4.32 -18.28 -5.58
N GLU B 228 3.10 -17.76 -5.76
CA GLU B 228 2.31 -17.26 -4.66
C GLU B 228 2.00 -18.36 -3.65
N TYR B 229 1.50 -19.50 -4.14
CA TYR B 229 1.20 -20.61 -3.24
C TYR B 229 2.47 -21.21 -2.67
N GLY B 230 3.53 -21.26 -3.48
CA GLY B 230 4.79 -21.80 -3.02
C GLY B 230 5.40 -21.03 -1.85
N CYS B 231 5.35 -19.70 -1.92
CA CYS B 231 5.90 -18.90 -0.85
C CYS B 231 5.09 -19.10 0.44
N PHE B 232 3.78 -19.32 0.29
CA PHE B 232 2.93 -19.57 1.45
C PHE B 232 3.31 -20.92 2.08
N PHE B 233 3.42 -21.97 1.26
CA PHE B 233 3.79 -23.27 1.80
C PHE B 233 5.15 -23.20 2.52
N ASN B 234 6.11 -22.47 1.93
CA ASN B 234 7.43 -22.31 2.52
C ASN B 234 7.33 -21.56 3.86
N ALA B 235 6.47 -20.54 3.89
CA ALA B 235 6.28 -19.72 5.08
C ALA B 235 5.73 -20.54 6.25
N THR B 236 4.99 -21.61 5.95
CA THR B 236 4.43 -22.46 7.00
C THR B 236 5.53 -23.30 7.64
N GLY B 237 6.73 -23.26 7.08
CA GLY B 237 7.84 -24.01 7.63
C GLY B 237 8.19 -25.30 6.91
N ARG B 238 7.67 -25.48 5.70
CA ARG B 238 7.95 -26.68 4.94
C ARG B 238 8.98 -26.47 3.84
N ARG B 239 9.79 -27.50 3.58
CA ARG B 239 10.79 -27.44 2.52
C ARG B 239 9.97 -27.35 1.24
N THR B 240 10.19 -26.30 0.47
CA THR B 240 9.43 -26.10 -0.75
C THR B 240 10.29 -26.12 -2.01
N VAL B 241 10.00 -27.07 -2.87
CA VAL B 241 10.73 -27.22 -4.12
C VAL B 241 9.82 -26.91 -5.31
N MET B 242 10.24 -25.95 -6.13
CA MET B 242 9.48 -25.56 -7.30
C MET B 242 10.15 -26.08 -8.57
N LEU B 243 9.39 -26.81 -9.38
CA LEU B 243 9.90 -27.37 -10.63
C LEU B 243 9.35 -26.54 -11.79
N VAL B 244 10.23 -25.72 -12.36
CA VAL B 244 9.87 -24.83 -13.46
C VAL B 244 10.38 -25.36 -14.79
N ARG B 245 9.50 -25.41 -15.79
CA ARG B 245 9.86 -25.92 -17.11
C ARG B 245 10.95 -25.06 -17.76
N THR B 246 10.77 -23.74 -17.73
CA THR B 246 11.73 -22.82 -18.32
C THR B 246 12.49 -22.08 -17.22
N GLU B 247 12.30 -20.76 -17.12
CA GLU B 247 12.94 -19.95 -16.10
C GLU B 247 11.83 -19.32 -15.29
N PRO B 248 12.04 -19.08 -13.99
CA PRO B 248 11.03 -18.48 -13.13
C PRO B 248 10.85 -16.96 -13.22
N LEU B 249 9.60 -16.52 -13.08
CA LEU B 249 9.25 -15.11 -13.07
C LEU B 249 9.75 -14.29 -14.26
N LYS B 250 9.60 -14.82 -15.46
CA LYS B 250 10.03 -14.12 -16.67
C LYS B 250 9.18 -12.87 -16.84
N LEU B 251 8.05 -12.83 -16.13
CA LEU B 251 7.13 -11.70 -16.16
C LEU B 251 7.77 -10.42 -15.61
N ILE B 252 8.79 -10.56 -14.77
CA ILE B 252 9.49 -9.40 -14.22
C ILE B 252 10.63 -9.06 -15.18
N LYS B 253 10.37 -8.12 -16.09
CA LYS B 253 11.36 -7.74 -17.09
C LYS B 253 12.65 -7.12 -16.57
N ASP B 254 12.57 -6.28 -15.55
CA ASP B 254 13.78 -5.65 -15.03
C ASP B 254 14.65 -6.68 -14.34
N ASN B 255 15.87 -6.87 -14.86
CA ASN B 255 16.81 -7.85 -14.32
C ASN B 255 17.12 -7.69 -12.82
N GLU B 256 17.48 -6.48 -12.40
CA GLU B 256 17.79 -6.25 -10.99
C GLU B 256 16.59 -6.53 -10.09
N THR B 257 15.41 -6.12 -10.54
CA THR B 257 14.19 -6.36 -9.76
C THR B 257 13.95 -7.85 -9.62
N ARG B 258 14.05 -8.58 -10.72
CA ARG B 258 13.84 -10.03 -10.70
C ARG B 258 14.86 -10.74 -9.80
N ALA B 259 16.12 -10.33 -9.90
CA ALA B 259 17.17 -10.94 -9.08
C ALA B 259 16.92 -10.70 -7.59
N TYR B 260 16.45 -9.50 -7.24
CA TYR B 260 16.16 -9.21 -5.84
C TYR B 260 15.05 -10.13 -5.34
N VAL B 261 13.99 -10.27 -6.14
CA VAL B 261 12.86 -11.12 -5.78
C VAL B 261 13.26 -12.57 -5.61
N LEU B 262 14.01 -13.09 -6.58
CA LEU B 262 14.48 -14.47 -6.52
C LEU B 262 15.45 -14.68 -5.35
N ASP B 263 16.36 -13.72 -5.14
CA ASP B 263 17.33 -13.82 -4.06
C ASP B 263 16.65 -13.93 -2.69
N ARG B 264 15.62 -13.13 -2.49
CA ARG B 264 14.89 -13.13 -1.24
C ARG B 264 14.13 -14.44 -1.05
N MET B 265 13.64 -15.02 -2.15
CA MET B 265 12.92 -16.30 -2.06
C MET B 265 13.88 -17.42 -1.65
N LYS B 266 15.06 -17.43 -2.26
CA LYS B 266 16.05 -18.44 -1.93
C LYS B 266 16.52 -18.26 -0.49
N GLU B 267 16.63 -17.00 -0.05
CA GLU B 267 17.05 -16.70 1.31
C GLU B 267 16.04 -17.26 2.32
N GLN B 268 14.78 -17.36 1.92
CA GLN B 268 13.76 -17.91 2.81
C GLN B 268 13.80 -19.45 2.77
N GLY B 269 14.69 -20.00 1.97
CA GLY B 269 14.85 -21.43 1.91
C GLY B 269 14.16 -22.14 0.76
N MET B 270 13.62 -21.37 -0.19
CA MET B 270 12.95 -22.00 -1.32
C MET B 270 13.96 -22.50 -2.35
N GLU B 271 13.66 -23.64 -2.94
CA GLU B 271 14.54 -24.24 -3.93
C GLU B 271 13.86 -24.16 -5.29
N ILE B 272 14.46 -23.42 -6.21
CA ILE B 272 13.89 -23.26 -7.54
C ILE B 272 14.73 -23.96 -8.61
N ILE B 273 14.12 -24.96 -9.24
CA ILE B 273 14.79 -25.74 -10.27
C ILE B 273 14.19 -25.44 -11.63
N SER B 274 14.92 -24.72 -12.45
CA SER B 274 14.44 -24.37 -13.79
C SER B 274 14.79 -25.46 -14.79
N GLY B 275 14.17 -25.40 -15.96
CA GLY B 275 14.41 -26.42 -16.97
C GLY B 275 14.05 -27.82 -16.49
N SER B 276 13.03 -27.91 -15.65
CA SER B 276 12.62 -29.21 -15.13
C SER B 276 11.24 -29.65 -15.59
N ASN B 277 11.08 -30.94 -15.86
CA ASN B 277 9.82 -31.51 -16.31
C ASN B 277 9.48 -32.75 -15.49
N VAL B 278 8.30 -32.75 -14.88
CA VAL B 278 7.88 -33.89 -14.08
C VAL B 278 7.68 -35.09 -14.98
N THR B 279 8.21 -36.24 -14.57
CA THR B 279 8.07 -37.44 -15.38
C THR B 279 7.13 -38.43 -14.70
N ARG B 280 7.10 -38.42 -13.38
CA ARG B 280 6.22 -39.31 -12.65
C ARG B 280 5.95 -38.88 -11.22
N ILE B 281 4.73 -39.13 -10.77
CA ILE B 281 4.33 -38.84 -9.40
C ILE B 281 4.11 -40.21 -8.79
N GLU B 282 4.96 -40.57 -7.83
CA GLU B 282 4.91 -41.86 -7.16
C GLU B 282 3.77 -42.04 -6.14
N GLU B 283 3.06 -43.15 -6.28
CA GLU B 283 1.95 -43.49 -5.39
C GLU B 283 2.38 -44.58 -4.41
N ASP B 284 1.92 -44.48 -3.17
CA ASP B 284 2.26 -45.52 -2.22
C ASP B 284 1.17 -46.58 -2.29
N ALA B 285 1.30 -47.63 -1.49
CA ALA B 285 0.32 -48.70 -1.49
C ALA B 285 -1.09 -48.22 -1.19
N ASN B 286 -1.20 -47.01 -0.63
CA ASN B 286 -2.53 -46.48 -0.31
C ASN B 286 -3.08 -45.54 -1.38
N GLY B 287 -2.37 -45.41 -2.49
CA GLY B 287 -2.83 -44.52 -3.55
C GLY B 287 -2.54 -43.07 -3.19
N ARG B 288 -1.61 -42.89 -2.26
CA ARG B 288 -1.21 -41.57 -1.78
C ARG B 288 0.14 -41.21 -2.40
N VAL B 289 0.36 -39.93 -2.65
CA VAL B 289 1.63 -39.46 -3.22
C VAL B 289 2.76 -39.73 -2.24
N GLN B 290 3.89 -40.25 -2.74
CA GLN B 290 5.04 -40.47 -1.87
C GLN B 290 6.30 -39.78 -2.39
N ALA B 291 6.32 -39.43 -3.67
CA ALA B 291 7.49 -38.76 -4.23
C ALA B 291 7.24 -38.27 -5.64
N VAL B 292 8.07 -37.34 -6.09
CA VAL B 292 7.97 -36.80 -7.43
C VAL B 292 9.30 -36.99 -8.14
N VAL B 293 9.23 -37.43 -9.39
CA VAL B 293 10.43 -37.62 -10.19
C VAL B 293 10.34 -36.68 -11.38
N ALA B 294 11.41 -35.95 -11.64
CA ALA B 294 11.43 -35.00 -12.74
C ALA B 294 12.80 -34.99 -13.42
N MET B 295 12.81 -34.60 -14.68
CA MET B 295 14.05 -34.48 -15.43
C MET B 295 14.50 -33.03 -15.32
N THR B 296 15.77 -32.81 -15.00
CA THR B 296 16.31 -31.47 -14.87
C THR B 296 17.55 -31.34 -15.75
N PRO B 297 18.06 -30.12 -15.92
CA PRO B 297 19.26 -29.93 -16.75
C PRO B 297 20.41 -30.78 -16.22
N ASN B 298 20.45 -30.97 -14.91
CA ASN B 298 21.51 -31.76 -14.28
C ASN B 298 21.12 -33.22 -14.14
N GLY B 299 20.05 -33.63 -14.82
CA GLY B 299 19.63 -35.01 -14.74
C GLY B 299 18.35 -35.24 -13.97
N GLU B 300 18.05 -36.51 -13.76
CA GLU B 300 16.83 -36.91 -13.05
C GLU B 300 16.97 -36.85 -11.53
N MET B 301 15.93 -36.35 -10.87
CA MET B 301 15.95 -36.27 -9.41
C MET B 301 14.65 -36.78 -8.82
N ARG B 302 14.69 -37.15 -7.55
CA ARG B 302 13.53 -37.68 -6.84
C ARG B 302 13.35 -36.95 -5.51
N ILE B 303 12.17 -36.40 -5.30
CA ILE B 303 11.87 -35.67 -4.08
C ILE B 303 10.71 -36.31 -3.33
N GLU B 304 10.99 -36.76 -2.11
CA GLU B 304 9.97 -37.41 -1.30
C GLU B 304 9.00 -36.36 -0.81
N THR B 305 7.71 -36.66 -0.92
CA THR B 305 6.68 -35.71 -0.51
C THR B 305 5.32 -36.38 -0.55
N ASP B 306 4.38 -35.86 0.23
CA ASP B 306 3.04 -36.40 0.25
C ASP B 306 2.07 -35.29 -0.15
N PHE B 307 2.62 -34.19 -0.66
CA PHE B 307 1.81 -33.05 -1.07
C PHE B 307 2.41 -32.40 -2.32
N VAL B 308 1.61 -32.34 -3.38
CA VAL B 308 2.05 -31.75 -4.63
C VAL B 308 1.01 -30.73 -5.09
N PHE B 309 1.48 -29.53 -5.43
CA PHE B 309 0.58 -28.49 -5.90
C PHE B 309 0.91 -28.12 -7.34
N LEU B 310 -0.09 -28.24 -8.22
CA LEU B 310 0.09 -27.93 -9.64
C LEU B 310 -0.31 -26.49 -9.91
N GLY B 311 0.62 -25.70 -10.43
CA GLY B 311 0.36 -24.32 -10.76
C GLY B 311 0.55 -24.10 -12.25
N LEU B 312 -0.17 -24.88 -13.04
CA LEU B 312 -0.09 -24.78 -14.49
C LEU B 312 -1.08 -23.72 -14.96
N GLY B 313 -1.01 -23.33 -16.22
CA GLY B 313 -1.94 -22.33 -16.71
C GLY B 313 -3.33 -22.92 -16.89
N GLU B 314 -4.36 -22.09 -16.78
CA GLU B 314 -5.72 -22.59 -16.95
C GLU B 314 -6.08 -22.66 -18.42
N GLN B 315 -7.05 -23.51 -18.76
CA GLN B 315 -7.47 -23.65 -20.14
C GLN B 315 -8.95 -23.31 -20.35
N PRO B 316 -9.25 -22.45 -21.33
CA PRO B 316 -10.61 -22.00 -21.66
C PRO B 316 -11.61 -23.15 -21.80
N ARG B 317 -12.79 -22.99 -21.21
CA ARG B 317 -13.83 -24.02 -21.28
C ARG B 317 -14.63 -23.82 -22.57
N SER B 318 -14.00 -24.12 -23.70
CA SER B 318 -14.64 -23.93 -25.01
C SER B 318 -15.19 -25.15 -25.74
N ALA B 319 -14.72 -26.34 -25.38
CA ALA B 319 -15.15 -27.58 -26.04
C ALA B 319 -16.64 -27.69 -26.40
N GLU B 320 -17.49 -27.78 -25.39
CA GLU B 320 -18.93 -27.91 -25.60
C GLU B 320 -19.57 -26.79 -26.41
N LEU B 321 -19.27 -25.55 -26.04
CA LEU B 321 -19.84 -24.40 -26.74
C LEU B 321 -19.40 -24.33 -28.19
N ALA B 322 -18.12 -24.65 -28.44
CA ALA B 322 -17.60 -24.62 -29.79
C ALA B 322 -18.32 -25.63 -30.68
N LYS B 323 -18.73 -26.75 -30.10
CA LYS B 323 -19.42 -27.78 -30.86
C LYS B 323 -20.87 -27.37 -31.12
N ILE B 324 -21.58 -26.97 -30.08
CA ILE B 324 -22.97 -26.58 -30.20
C ILE B 324 -23.17 -25.38 -31.15
N LEU B 325 -22.34 -24.36 -30.99
CA LEU B 325 -22.45 -23.16 -31.80
C LEU B 325 -21.58 -23.12 -33.05
N GLY B 326 -20.52 -23.91 -33.07
CA GLY B 326 -19.62 -23.90 -34.22
C GLY B 326 -18.69 -22.70 -34.16
N LEU B 327 -18.03 -22.52 -33.01
CA LEU B 327 -17.11 -21.41 -32.79
C LEU B 327 -15.69 -21.72 -33.23
N ASP B 328 -15.02 -20.75 -33.84
CA ASP B 328 -13.64 -20.93 -34.26
C ASP B 328 -12.78 -20.78 -33.00
N LEU B 329 -11.90 -21.75 -32.76
CA LEU B 329 -11.03 -21.73 -31.59
C LEU B 329 -9.57 -21.45 -31.91
N GLY B 330 -8.84 -20.99 -30.90
CA GLY B 330 -7.43 -20.69 -31.07
C GLY B 330 -6.53 -21.87 -30.74
N PRO B 331 -5.21 -21.68 -30.90
CA PRO B 331 -4.18 -22.69 -30.63
C PRO B 331 -4.29 -23.35 -29.26
N LYS B 332 -4.68 -22.57 -28.26
CA LYS B 332 -4.80 -23.09 -26.90
C LYS B 332 -6.25 -23.30 -26.45
N GLY B 333 -7.14 -23.46 -27.41
CA GLY B 333 -8.54 -23.69 -27.08
C GLY B 333 -9.34 -22.43 -26.77
N GLU B 334 -8.70 -21.27 -26.88
CA GLU B 334 -9.39 -20.02 -26.60
C GLU B 334 -10.37 -19.68 -27.74
N VAL B 335 -11.52 -19.12 -27.38
CA VAL B 335 -12.49 -18.74 -28.38
C VAL B 335 -11.97 -17.48 -29.06
N LEU B 336 -11.88 -17.51 -30.38
CA LEU B 336 -11.38 -16.36 -31.13
C LEU B 336 -12.44 -15.27 -31.23
N VAL B 337 -12.03 -14.02 -31.06
CA VAL B 337 -12.94 -12.90 -31.15
C VAL B 337 -12.23 -11.72 -31.79
N ASN B 338 -13.01 -10.81 -32.37
CA ASN B 338 -12.43 -9.63 -32.99
C ASN B 338 -12.28 -8.56 -31.92
N GLU B 339 -11.89 -7.36 -32.32
CA GLU B 339 -11.69 -6.26 -31.38
C GLU B 339 -12.95 -5.83 -30.63
N TYR B 340 -14.10 -6.35 -31.05
CA TYR B 340 -15.37 -6.00 -30.40
C TYR B 340 -15.89 -7.15 -29.55
N LEU B 341 -15.02 -8.14 -29.35
CA LEU B 341 -15.36 -9.32 -28.55
C LEU B 341 -16.35 -10.27 -29.23
N GLN B 342 -16.54 -10.09 -30.53
CA GLN B 342 -17.45 -10.94 -31.29
C GLN B 342 -16.78 -12.22 -31.78
N THR B 343 -17.47 -13.35 -31.62
CA THR B 343 -16.93 -14.63 -32.06
C THR B 343 -17.20 -14.79 -33.55
N SER B 344 -16.93 -15.98 -34.08
CA SER B 344 -17.14 -16.26 -35.49
C SER B 344 -18.63 -16.46 -35.78
N VAL B 345 -19.42 -16.67 -34.72
CA VAL B 345 -20.85 -16.89 -34.85
C VAL B 345 -21.59 -15.58 -34.59
N PRO B 346 -22.55 -15.24 -35.47
CA PRO B 346 -23.34 -14.01 -35.33
C PRO B 346 -24.14 -13.88 -34.03
N ASN B 347 -24.04 -12.71 -33.41
CA ASN B 347 -24.76 -12.43 -32.16
C ASN B 347 -24.16 -13.15 -30.95
N VAL B 348 -22.98 -13.72 -31.12
CA VAL B 348 -22.33 -14.44 -30.03
C VAL B 348 -20.99 -13.81 -29.66
N TYR B 349 -20.88 -13.33 -28.41
CA TYR B 349 -19.64 -12.72 -27.92
C TYR B 349 -18.96 -13.65 -26.93
N ALA B 350 -17.67 -13.43 -26.71
CA ALA B 350 -16.89 -14.23 -25.77
C ALA B 350 -16.02 -13.25 -24.95
N VAL B 351 -15.92 -13.48 -23.65
CA VAL B 351 -15.17 -12.61 -22.76
C VAL B 351 -14.45 -13.38 -21.65
N GLY B 352 -13.64 -12.66 -20.86
CA GLY B 352 -12.92 -13.29 -19.76
C GLY B 352 -11.81 -14.26 -20.11
N ASP B 353 -11.58 -15.22 -19.21
CA ASP B 353 -10.55 -16.22 -19.41
C ASP B 353 -10.85 -17.11 -20.62
N LEU B 354 -12.10 -17.07 -21.08
CA LEU B 354 -12.52 -17.88 -22.21
C LEU B 354 -11.82 -17.45 -23.50
N ILE B 355 -11.42 -16.19 -23.58
CA ILE B 355 -10.77 -15.71 -24.79
C ILE B 355 -9.25 -15.64 -24.66
N GLY B 356 -8.72 -16.23 -23.60
CA GLY B 356 -7.28 -16.25 -23.42
C GLY B 356 -6.69 -15.22 -22.48
N GLY B 357 -5.37 -15.05 -22.61
CA GLY B 357 -4.64 -14.10 -21.77
C GLY B 357 -4.72 -12.68 -22.30
N PRO B 358 -4.44 -11.69 -21.45
CA PRO B 358 -4.06 -11.91 -20.06
C PRO B 358 -5.26 -12.34 -19.20
N MET B 359 -5.06 -13.38 -18.41
CA MET B 359 -6.12 -13.87 -17.53
C MET B 359 -6.00 -13.14 -16.20
N GLU B 360 -6.59 -11.93 -16.18
CA GLU B 360 -6.59 -11.08 -15.00
C GLU B 360 -8.01 -10.55 -14.82
N MET B 361 -8.33 -10.11 -13.61
CA MET B 361 -9.65 -9.59 -13.30
C MET B 361 -10.01 -8.34 -14.10
N PHE B 362 -9.06 -7.42 -14.30
CA PHE B 362 -9.36 -6.21 -15.06
C PHE B 362 -9.75 -6.55 -16.50
N LYS B 363 -9.10 -7.57 -17.06
CA LYS B 363 -9.39 -7.99 -18.44
C LYS B 363 -10.78 -8.62 -18.50
N ALA B 364 -11.09 -9.49 -17.55
CA ALA B 364 -12.38 -10.15 -17.53
C ALA B 364 -13.52 -9.15 -17.39
N ARG B 365 -13.44 -8.29 -16.38
CA ARG B 365 -14.47 -7.29 -16.12
C ARG B 365 -14.63 -6.28 -17.27
N LYS B 366 -13.52 -5.79 -17.78
CA LYS B 366 -13.59 -4.81 -18.86
C LYS B 366 -14.12 -5.41 -20.16
N SER B 367 -13.62 -6.59 -20.53
CA SER B 367 -14.10 -7.23 -21.75
C SER B 367 -15.60 -7.48 -21.63
N GLY B 368 -16.04 -7.82 -20.42
CA GLY B 368 -17.45 -8.08 -20.19
C GLY B 368 -18.27 -6.82 -20.45
N CYS B 369 -17.79 -5.69 -19.94
CA CYS B 369 -18.49 -4.42 -20.12
C CYS B 369 -18.47 -3.95 -21.57
N TYR B 370 -17.36 -4.14 -22.25
CA TYR B 370 -17.26 -3.72 -23.65
C TYR B 370 -18.18 -4.54 -24.55
N ALA B 371 -18.30 -5.83 -24.26
CA ALA B 371 -19.17 -6.70 -25.06
C ALA B 371 -20.60 -6.18 -24.90
N ALA B 372 -20.95 -5.83 -23.67
CA ALA B 372 -22.28 -5.32 -23.34
C ALA B 372 -22.59 -4.03 -24.09
N ARG B 373 -21.61 -3.15 -24.16
CA ARG B 373 -21.77 -1.88 -24.85
C ARG B 373 -21.99 -2.10 -26.34
N ASN B 374 -21.27 -3.06 -26.91
CA ASN B 374 -21.44 -3.37 -28.32
C ASN B 374 -22.83 -3.96 -28.54
N VAL B 375 -23.26 -4.82 -27.63
CA VAL B 375 -24.58 -5.44 -27.73
C VAL B 375 -25.64 -4.35 -27.70
N MET B 376 -25.39 -3.28 -26.95
CA MET B 376 -26.37 -2.21 -26.86
C MET B 376 -26.24 -1.17 -27.98
N GLY B 377 -25.51 -1.53 -29.04
CA GLY B 377 -25.35 -0.64 -30.17
C GLY B 377 -24.17 0.32 -30.14
N GLU B 378 -23.42 0.30 -29.05
CA GLU B 378 -22.27 1.19 -28.92
C GLU B 378 -21.00 0.46 -29.37
N LYS B 379 -20.62 0.65 -30.64
CA LYS B 379 -19.44 0.00 -31.19
C LYS B 379 -18.15 0.49 -30.55
N ILE B 380 -17.54 -0.35 -29.73
CA ILE B 380 -16.31 0.00 -29.04
C ILE B 380 -15.34 -1.19 -29.03
N SER B 381 -14.08 -0.92 -29.35
CA SER B 381 -13.08 -1.99 -29.37
C SER B 381 -12.29 -2.10 -28.09
N TYR B 382 -11.79 -3.30 -27.81
CA TYR B 382 -11.00 -3.51 -26.62
C TYR B 382 -9.83 -4.45 -26.91
N THR B 383 -8.64 -3.97 -26.59
CA THR B 383 -7.41 -4.76 -26.76
C THR B 383 -6.51 -4.38 -25.61
N PRO B 384 -6.41 -5.25 -24.60
CA PRO B 384 -5.56 -4.97 -23.44
C PRO B 384 -4.07 -4.86 -23.75
N LYS B 385 -3.48 -3.75 -23.31
CA LYS B 385 -2.04 -3.52 -23.51
C LYS B 385 -1.56 -2.37 -22.64
N ASN B 386 -0.27 -2.40 -22.30
CA ASN B 386 0.32 -1.36 -21.45
C ASN B 386 -0.43 -1.22 -20.14
N TYR B 387 -0.59 -2.35 -19.45
CA TYR B 387 -1.27 -2.36 -18.18
C TYR B 387 -0.27 -2.69 -17.09
N PRO B 388 -0.57 -2.32 -15.84
CA PRO B 388 0.35 -2.62 -14.75
C PRO B 388 0.13 -4.09 -14.39
N ASP B 389 1.02 -4.66 -13.59
CA ASP B 389 0.86 -6.06 -13.22
C ASP B 389 1.54 -6.27 -11.88
N PHE B 390 1.29 -7.41 -11.26
CA PHE B 390 1.86 -7.69 -9.96
C PHE B 390 1.75 -9.18 -9.64
N LEU B 391 2.43 -9.57 -8.57
CA LEU B 391 2.41 -10.94 -8.10
C LEU B 391 2.96 -10.92 -6.68
N HIS B 392 2.66 -11.98 -5.93
CA HIS B 392 3.13 -12.11 -4.55
C HIS B 392 4.17 -13.22 -4.40
N THR B 393 5.15 -12.98 -3.53
CA THR B 393 6.14 -13.98 -3.14
C THR B 393 5.88 -13.83 -1.64
N HIS B 394 6.87 -13.43 -0.87
CA HIS B 394 6.65 -13.16 0.56
C HIS B 394 6.45 -11.64 0.57
N TYR B 395 6.76 -11.03 -0.57
CA TYR B 395 6.62 -9.59 -0.78
C TYR B 395 5.57 -9.32 -1.86
N GLU B 396 5.21 -8.06 -1.99
CA GLU B 396 4.29 -7.64 -3.03
C GLU B 396 5.24 -7.15 -4.14
N VAL B 397 5.04 -7.63 -5.36
CA VAL B 397 5.90 -7.23 -6.47
C VAL B 397 5.08 -6.55 -7.57
N SER B 398 5.39 -5.29 -7.82
CA SER B 398 4.67 -4.49 -8.80
C SER B 398 5.58 -4.02 -9.94
N PHE B 399 5.03 -4.02 -11.15
CA PHE B 399 5.80 -3.59 -12.32
C PHE B 399 4.93 -3.09 -13.46
N LEU B 400 5.48 -2.17 -14.23
CA LEU B 400 4.78 -1.60 -15.37
C LEU B 400 5.84 -1.06 -16.32
N GLY B 401 5.50 -1.00 -17.61
CA GLY B 401 6.43 -0.46 -18.58
C GLY B 401 7.68 -1.30 -18.81
N MET B 402 8.77 -0.61 -19.14
CA MET B 402 10.03 -1.27 -19.46
C MET B 402 11.03 -1.46 -18.33
N GLY B 403 11.79 -2.55 -18.45
CA GLY B 403 12.85 -2.85 -17.49
C GLY B 403 14.03 -2.02 -17.96
N GLU B 404 15.07 -1.89 -17.14
CA GLU B 404 16.24 -1.10 -17.50
C GLU B 404 16.96 -1.58 -18.76
N GLU B 405 17.32 -2.86 -18.79
CA GLU B 405 18.02 -3.43 -19.94
C GLU B 405 17.16 -3.33 -21.20
N GLU B 406 15.89 -3.68 -21.05
CA GLU B 406 14.91 -3.66 -22.14
C GLU B 406 14.84 -2.28 -22.80
N ALA B 407 14.84 -1.22 -22.01
CA ALA B 407 14.77 0.13 -22.56
C ALA B 407 16.02 0.48 -23.36
N ARG B 408 17.18 0.16 -22.82
CA ARG B 408 18.43 0.43 -23.53
C ARG B 408 18.51 -0.34 -24.83
N ALA B 409 18.12 -1.62 -24.77
CA ALA B 409 18.14 -2.45 -25.97
C ALA B 409 17.24 -1.86 -27.05
N ALA B 410 16.14 -1.24 -26.62
CA ALA B 410 15.17 -0.64 -27.54
C ALA B 410 15.67 0.67 -28.15
N GLY B 411 16.85 1.12 -27.73
CA GLY B 411 17.40 2.35 -28.26
C GLY B 411 17.16 3.62 -27.45
N HIS B 412 16.73 3.47 -26.20
CA HIS B 412 16.49 4.63 -25.34
C HIS B 412 17.72 4.98 -24.52
N GLU B 413 18.09 6.25 -24.51
CA GLU B 413 19.21 6.69 -23.68
C GLU B 413 18.51 6.89 -22.34
N ILE B 414 18.97 6.21 -21.29
CA ILE B 414 18.27 6.33 -20.02
C ILE B 414 19.11 6.53 -18.78
N VAL B 415 18.45 7.01 -17.74
CA VAL B 415 19.05 7.19 -16.42
C VAL B 415 18.05 6.49 -15.53
N THR B 416 18.47 6.04 -14.36
CA THR B 416 17.55 5.40 -13.45
C THR B 416 17.66 6.02 -12.07
N ILE B 417 16.58 5.91 -11.30
CA ILE B 417 16.54 6.40 -9.93
C ILE B 417 16.01 5.20 -9.16
N LYS B 418 16.82 4.71 -8.23
CA LYS B 418 16.44 3.55 -7.46
C LYS B 418 16.91 3.62 -6.02
N MET B 419 16.48 2.64 -5.24
CA MET B 419 16.84 2.55 -3.85
C MET B 419 16.83 1.04 -3.54
N PRO B 420 17.88 0.55 -2.87
CA PRO B 420 19.03 1.33 -2.42
C PRO B 420 19.99 1.69 -3.55
N PRO B 421 20.93 2.61 -3.30
CA PRO B 421 21.88 2.98 -4.36
C PRO B 421 22.95 1.91 -4.61
N ASP B 422 23.66 2.04 -5.72
CA ASP B 422 24.74 1.10 -6.03
C ASP B 422 26.01 1.57 -5.33
N THR B 423 26.35 0.92 -4.23
CA THR B 423 27.56 1.25 -3.47
C THR B 423 28.14 -0.07 -2.98
N GLU B 424 29.34 -0.04 -2.42
CA GLU B 424 29.95 -1.27 -1.94
C GLU B 424 29.19 -1.90 -0.78
N ASN B 425 28.28 -1.15 -0.17
CA ASN B 425 27.48 -1.69 0.93
C ASN B 425 26.25 -2.43 0.35
N GLY B 426 26.03 -2.23 -0.94
CA GLY B 426 24.91 -2.88 -1.62
C GLY B 426 23.55 -2.72 -0.98
N LEU B 427 22.85 -3.84 -0.83
CA LEU B 427 21.51 -3.86 -0.25
C LEU B 427 21.51 -3.66 1.26
N ASN B 428 22.68 -3.83 1.87
CA ASN B 428 22.80 -3.71 3.33
C ASN B 428 22.74 -2.29 3.91
N VAL B 429 21.69 -1.56 3.53
CA VAL B 429 21.49 -0.19 4.02
C VAL B 429 20.03 -0.02 4.42
N ALA B 430 19.76 0.92 5.32
CA ALA B 430 18.40 1.15 5.84
C ALA B 430 17.34 1.75 4.91
N LEU B 431 17.52 1.60 3.61
CA LEU B 431 16.57 2.11 2.63
C LEU B 431 16.45 1.07 1.53
N PRO B 432 15.33 1.03 0.80
CA PRO B 432 14.16 1.89 0.97
C PRO B 432 13.44 1.50 2.26
N ALA B 433 12.46 2.28 2.68
CA ALA B 433 11.73 1.98 3.90
C ALA B 433 10.40 2.72 4.00
N SER B 434 9.42 2.07 4.60
CA SER B 434 8.11 2.63 4.82
C SER B 434 7.24 1.58 5.51
N ASP B 435 5.93 1.83 5.55
CA ASP B 435 4.98 0.92 6.20
C ASP B 435 5.22 -0.55 5.89
N ARG B 436 5.44 -1.36 6.92
CA ARG B 436 5.64 -2.79 6.81
C ARG B 436 7.07 -3.23 6.45
N THR B 437 7.97 -2.27 6.29
CA THR B 437 9.38 -2.61 6.02
C THR B 437 10.28 -1.90 7.04
N MET B 438 9.68 -1.24 8.02
CA MET B 438 10.46 -0.51 9.03
C MET B 438 11.27 -1.45 9.93
N LEU B 439 10.69 -2.56 10.35
CA LEU B 439 11.41 -3.51 11.20
C LEU B 439 12.64 -4.05 10.46
N TYR B 440 12.46 -4.40 9.18
CA TYR B 440 13.57 -4.90 8.37
C TYR B 440 14.65 -3.82 8.25
N ALA B 441 14.21 -2.59 8.05
CA ALA B 441 15.14 -1.46 7.88
C ALA B 441 15.99 -1.22 9.12
N PHE B 442 15.40 -1.42 10.30
CA PHE B 442 16.11 -1.18 11.57
C PHE B 442 16.70 -2.40 12.26
N GLY B 443 16.26 -3.60 11.87
CA GLY B 443 16.76 -4.80 12.50
C GLY B 443 18.24 -5.10 12.26
N LYS B 444 18.84 -5.90 13.13
CA LYS B 444 20.25 -6.24 12.96
C LYS B 444 20.40 -7.32 11.88
N GLY B 445 21.13 -6.99 10.83
CA GLY B 445 21.33 -7.93 9.73
C GLY B 445 20.14 -8.11 8.82
N THR B 446 19.11 -7.27 8.94
CA THR B 446 17.92 -7.41 8.09
C THR B 446 17.70 -6.27 7.10
N ALA B 447 18.56 -5.25 7.13
CA ALA B 447 18.40 -4.09 6.24
C ALA B 447 18.22 -4.43 4.76
N HIS B 448 18.90 -5.47 4.29
CA HIS B 448 18.79 -5.86 2.89
C HIS B 448 17.37 -6.32 2.52
N MET B 449 16.58 -6.63 3.54
CA MET B 449 15.21 -7.09 3.34
C MET B 449 14.20 -5.92 3.30
N SER B 450 14.69 -4.69 3.36
CA SER B 450 13.76 -3.56 3.40
C SER B 450 13.09 -3.24 2.07
N GLY B 451 13.54 -3.87 0.99
CA GLY B 451 12.92 -3.63 -0.30
C GLY B 451 13.82 -3.23 -1.45
N PHE B 452 13.22 -3.02 -2.60
CA PHE B 452 13.94 -2.60 -3.79
C PHE B 452 12.96 -1.91 -4.73
N GLN B 453 13.38 -0.82 -5.34
CA GLN B 453 12.52 -0.10 -6.27
C GLN B 453 13.31 0.72 -7.28
N LYS B 454 12.71 0.96 -8.44
CA LYS B 454 13.39 1.69 -9.51
C LYS B 454 12.45 2.23 -10.58
N ILE B 455 12.79 3.40 -11.12
CA ILE B 455 12.02 3.96 -12.22
C ILE B 455 13.02 4.15 -13.36
N VAL B 456 12.58 3.86 -14.57
CA VAL B 456 13.41 3.99 -15.76
C VAL B 456 12.95 5.23 -16.50
N ILE B 457 13.90 6.13 -16.74
CA ILE B 457 13.62 7.41 -17.39
C ILE B 457 14.39 7.64 -18.70
N ASP B 458 13.71 8.20 -19.69
CA ASP B 458 14.35 8.51 -20.97
C ASP B 458 15.12 9.82 -20.75
N ALA B 459 16.45 9.76 -20.84
CA ALA B 459 17.32 10.91 -20.62
C ALA B 459 16.99 12.15 -21.45
N LYS B 460 16.49 11.95 -22.66
CA LYS B 460 16.20 13.09 -23.53
C LYS B 460 14.79 13.65 -23.42
N THR B 461 13.79 12.79 -23.40
CA THR B 461 12.41 13.25 -23.28
C THR B 461 12.08 13.52 -21.82
N ARG B 462 12.84 12.90 -20.92
CA ARG B 462 12.62 13.06 -19.48
C ARG B 462 11.37 12.32 -19.03
N LYS B 463 10.83 11.45 -19.89
CA LYS B 463 9.64 10.68 -19.57
C LYS B 463 9.95 9.36 -18.84
N VAL B 464 9.07 8.96 -17.94
CA VAL B 464 9.22 7.70 -17.21
C VAL B 464 8.81 6.56 -18.16
N LEU B 465 9.68 5.57 -18.32
CA LEU B 465 9.41 4.45 -19.23
C LEU B 465 9.04 3.15 -18.51
N GLY B 466 9.31 3.10 -17.21
CA GLY B 466 8.99 1.90 -16.45
C GLY B 466 9.16 2.13 -14.96
N ALA B 467 8.40 1.39 -14.16
CA ALA B 467 8.46 1.50 -12.70
C ALA B 467 8.41 0.07 -12.13
N HIS B 468 9.21 -0.16 -11.09
CA HIS B 468 9.32 -1.47 -10.48
C HIS B 468 9.43 -1.32 -8.98
N HIS B 469 8.77 -2.21 -8.24
CA HIS B 469 8.80 -2.11 -6.79
C HIS B 469 8.62 -3.44 -6.07
N VAL B 470 9.43 -3.65 -5.04
CA VAL B 470 9.37 -4.84 -4.21
C VAL B 470 9.24 -4.35 -2.78
N GLY B 471 8.18 -4.76 -2.09
CA GLY B 471 7.95 -4.35 -0.72
C GLY B 471 6.49 -4.52 -0.38
N TYR B 472 5.86 -3.45 0.12
CA TYR B 472 4.45 -3.47 0.47
C TYR B 472 3.82 -2.09 0.31
N GLY B 473 2.53 -2.06 -0.03
CA GLY B 473 1.82 -0.80 -0.18
C GLY B 473 1.97 0.02 -1.45
N ALA B 474 2.48 -0.59 -2.52
CA ALA B 474 2.65 0.14 -3.79
C ALA B 474 1.71 -0.37 -4.90
N LYS B 475 1.20 -1.59 -4.74
CA LYS B 475 0.31 -2.18 -5.73
C LYS B 475 -0.81 -1.24 -6.14
N ASP B 476 -1.56 -0.73 -5.16
CA ASP B 476 -2.67 0.19 -5.45
C ASP B 476 -2.17 1.42 -6.21
N ALA B 477 -1.03 1.96 -5.79
CA ALA B 477 -0.47 3.14 -6.44
C ALA B 477 -0.16 2.90 -7.93
N PHE B 478 0.33 1.71 -8.26
CA PHE B 478 0.67 1.39 -9.64
C PHE B 478 -0.51 1.50 -10.60
N GLN B 479 -1.74 1.34 -10.08
CA GLN B 479 -2.94 1.45 -10.91
C GLN B 479 -3.04 2.88 -11.43
N TYR B 480 -2.84 3.84 -10.54
CA TYR B 480 -2.95 5.24 -10.91
C TYR B 480 -1.68 5.78 -11.56
N LEU B 481 -0.52 5.35 -11.07
CA LEU B 481 0.74 5.78 -11.64
C LEU B 481 0.79 5.40 -13.13
N ASN B 482 0.29 4.22 -13.47
CA ASN B 482 0.30 3.77 -14.86
C ASN B 482 -0.50 4.70 -15.75
N VAL B 483 -1.62 5.21 -15.24
CA VAL B 483 -2.45 6.13 -16.03
C VAL B 483 -1.64 7.40 -16.32
N LEU B 484 -0.96 7.92 -15.31
CA LEU B 484 -0.15 9.13 -15.49
C LEU B 484 0.97 8.90 -16.50
N ILE B 485 1.59 7.74 -16.41
CA ILE B 485 2.67 7.39 -17.31
C ILE B 485 2.17 7.29 -18.76
N LYS B 486 0.99 6.71 -18.95
CA LYS B 486 0.44 6.59 -20.29
C LYS B 486 0.06 7.96 -20.85
N GLN B 487 -0.09 8.94 -19.97
CA GLN B 487 -0.43 10.28 -20.41
C GLN B 487 0.83 11.10 -20.66
N GLY B 488 1.99 10.49 -20.44
CA GLY B 488 3.25 11.19 -20.66
C GLY B 488 3.74 11.90 -19.40
N LEU B 489 4.24 11.14 -18.44
CA LEU B 489 4.74 11.69 -17.18
C LEU B 489 6.26 11.85 -17.20
N THR B 490 6.74 13.04 -16.85
CA THR B 490 8.18 13.31 -16.82
C THR B 490 8.70 13.35 -15.39
N VAL B 491 10.02 13.27 -15.25
CA VAL B 491 10.64 13.29 -13.93
C VAL B 491 10.34 14.62 -13.23
N ASP B 492 10.18 15.68 -14.03
CA ASP B 492 9.87 16.99 -13.46
C ASP B 492 8.46 17.03 -12.87
N GLU B 493 7.49 16.48 -13.60
CA GLU B 493 6.12 16.45 -13.14
C GLU B 493 5.99 15.52 -11.93
N LEU B 494 6.69 14.40 -11.97
CA LEU B 494 6.69 13.46 -10.85
C LEU B 494 7.28 14.18 -9.64
N GLY B 495 8.36 14.91 -9.87
CA GLY B 495 9.00 15.64 -8.78
C GLY B 495 8.15 16.77 -8.22
N ASP B 496 7.21 17.28 -9.01
CA ASP B 496 6.37 18.37 -8.53
C ASP B 496 5.13 17.94 -7.78
N MET B 497 4.96 16.63 -7.58
CA MET B 497 3.80 16.12 -6.86
C MET B 497 4.01 16.25 -5.35
N ASP B 498 2.95 15.98 -4.59
CA ASP B 498 3.01 16.04 -3.13
C ASP B 498 3.12 14.63 -2.60
N GLU B 499 4.29 14.29 -2.06
CA GLU B 499 4.49 12.95 -1.52
C GLU B 499 3.89 12.84 -0.12
N LEU B 500 3.65 11.60 0.32
CA LEU B 500 3.13 11.33 1.65
C LEU B 500 4.19 10.46 2.32
N PHE B 501 5.21 11.11 2.86
CA PHE B 501 6.34 10.45 3.51
C PHE B 501 5.94 9.84 4.86
N LEU B 502 6.42 8.63 5.19
CA LEU B 502 7.29 7.82 4.34
C LEU B 502 6.42 7.04 3.37
N ASN B 503 6.78 7.08 2.10
CA ASN B 503 6.01 6.43 1.04
C ASN B 503 6.60 5.14 0.49
N PRO B 504 5.75 4.12 0.26
CA PRO B 504 6.20 2.83 -0.28
C PRO B 504 7.06 3.09 -1.52
N THR B 505 6.61 3.99 -2.39
CA THR B 505 7.39 4.36 -3.56
C THR B 505 7.98 5.74 -3.26
N HIS B 506 9.27 5.91 -3.50
CA HIS B 506 9.94 7.18 -3.22
C HIS B 506 10.18 7.95 -4.52
N PHE B 507 9.52 7.51 -5.59
CA PHE B 507 9.69 8.14 -6.90
C PHE B 507 9.56 9.66 -6.95
N ILE B 508 8.64 10.21 -6.16
CA ILE B 508 8.42 11.65 -6.18
C ILE B 508 9.60 12.48 -5.69
N GLN B 509 10.00 12.30 -4.43
CA GLN B 509 11.10 13.09 -3.89
C GLN B 509 12.45 12.77 -4.54
N LEU B 510 12.69 11.51 -4.91
CA LEU B 510 13.96 11.18 -5.54
C LEU B 510 14.05 11.82 -6.93
N SER B 511 12.90 11.92 -7.61
CA SER B 511 12.87 12.55 -8.92
C SER B 511 13.21 14.03 -8.75
N ARG B 512 12.65 14.62 -7.70
CA ARG B 512 12.87 16.03 -7.39
C ARG B 512 14.35 16.33 -7.16
N LEU B 513 15.07 15.38 -6.60
CA LEU B 513 16.50 15.54 -6.34
C LEU B 513 17.34 15.65 -7.61
N ARG B 514 16.83 15.12 -8.72
CA ARG B 514 17.56 15.17 -9.98
C ARG B 514 16.97 16.10 -11.03
N ALA B 515 15.67 16.39 -10.90
CA ALA B 515 14.95 17.23 -11.86
C ALA B 515 15.49 18.64 -12.10
N GLY B 516 16.32 19.14 -11.20
CA GLY B 516 16.86 20.47 -11.35
C GLY B 516 17.93 20.61 -12.43
N SER B 517 18.51 19.49 -12.84
CA SER B 517 19.53 19.52 -13.88
C SER B 517 18.93 19.33 -15.27
N LYS B 518 19.44 20.09 -16.23
CA LYS B 518 18.96 19.99 -17.60
C LYS B 518 19.51 18.70 -18.19
N ASN B 519 20.60 18.23 -17.61
CA ASN B 519 21.26 16.99 -18.02
C ASN B 519 21.05 16.01 -16.89
N LEU B 520 20.15 15.05 -17.08
CA LEU B 520 19.83 14.06 -16.06
C LEU B 520 20.95 13.09 -15.70
N VAL B 521 21.04 12.79 -14.41
CA VAL B 521 22.04 11.87 -13.89
C VAL B 521 21.32 10.89 -12.97
N SER B 522 21.66 9.61 -13.09
CA SER B 522 21.06 8.58 -12.25
C SER B 522 21.33 8.78 -10.77
N LEU B 523 20.48 8.18 -9.94
CA LEU B 523 20.65 8.25 -8.50
C LEU B 523 20.48 6.84 -7.93
PA FAD C . 14.03 19.80 10.30
O1A FAD C . 13.84 19.16 9.00
O2A FAD C . 13.23 20.39 11.39
O5B FAD C . 15.46 20.47 10.41
C5B FAD C . 15.81 21.79 10.82
C4B FAD C . 17.32 21.67 10.77
O4B FAD C . 18.02 22.90 11.13
C3B FAD C . 17.93 20.56 11.70
O3B FAD C . 18.82 19.73 10.94
C2B FAD C . 18.55 21.32 12.79
O2B FAD C . 19.60 20.76 13.52
C1B FAD C . 19.03 22.60 12.12
N9A FAD C . 19.21 23.74 12.96
C8A FAD C . 18.35 24.35 13.90
N7A FAD C . 18.88 25.39 14.51
C5A FAD C . 20.16 25.50 13.97
C6A FAD C . 21.24 26.39 14.19
N6A FAD C . 21.17 27.39 15.07
N1A FAD C . 22.41 26.20 13.46
C2A FAD C . 22.52 25.19 12.55
N3A FAD C . 21.50 24.26 12.27
C4A FAD C . 20.35 24.54 13.08
N1 FAD C . 5.89 15.06 7.98
C2 FAD C . 5.42 14.23 6.98
O2 FAD C . 5.32 14.62 5.81
N3 FAD C . 5.06 12.93 7.31
C4 FAD C . 5.13 12.34 8.61
O4 FAD C . 4.78 11.14 8.79
C4X FAD C . 5.59 13.20 9.58
N5 FAD C . 5.68 12.65 10.92
C5X FAD C . 6.16 13.51 11.93
C6 FAD C . 6.28 13.06 13.26
C7 FAD C . 6.75 13.86 14.34
C7M FAD C . 6.83 13.27 15.73
C8 FAD C . 7.13 15.22 14.04
C8M FAD C . 7.63 16.17 15.11
C9 FAD C . 7.03 15.72 12.76
C9A FAD C . 6.57 14.92 11.67
N10 FAD C . 6.44 15.37 10.26
C10 FAD C . 5.97 14.55 9.25
C1' FAD C . 6.86 16.73 10.06
C2' FAD C . 8.19 16.89 9.35
O2' FAD C . 9.15 16.12 10.13
C3' FAD C . 8.69 18.31 9.30
O3' FAD C . 7.76 19.18 8.65
C4' FAD C . 10.00 18.57 8.52
O4' FAD C . 11.00 17.68 9.12
C5' FAD C . 10.54 19.92 8.65
O5' FAD C . 11.74 20.02 7.88
P FAD C . 12.69 21.25 7.98
O1P FAD C . 13.75 21.05 7.01
O2P FAD C . 11.93 22.53 7.91
O3P FAD C . 13.24 21.01 9.51
C1 COM D . 14.88 12.49 5.77
C2 COM D . 15.30 12.54 4.35
S1 COM D . 14.53 10.75 6.18
S2 COM D . 15.42 14.11 3.48
O1S COM D . 14.14 14.75 3.61
O2S COM D . 16.44 14.96 4.04
O3S COM D . 15.84 13.58 2.15
C1 COM E . -15.35 -8.25 -3.58
C2 COM E . -15.09 -7.47 -4.82
S1 COM E . -16.57 -9.54 -3.89
S2 COM E . -14.69 -5.72 -4.64
O1S COM E . -15.79 -5.13 -3.94
O2S COM E . -13.46 -5.59 -3.88
O3S COM E . -14.50 -5.31 -6.08
PA FAD F . -14.70 -17.10 -13.94
O1A FAD F . -13.78 -18.24 -13.74
O2A FAD F . -14.68 -16.03 -12.90
O5B FAD F . -16.18 -17.61 -13.99
C5B FAD F . -16.76 -18.37 -15.04
C4B FAD F . -18.16 -18.63 -14.53
O4B FAD F . -18.99 -19.39 -15.46
C3B FAD F . -18.25 -19.41 -13.18
O3B FAD F . -19.13 -18.74 -12.28
C2B FAD F . -18.71 -20.75 -13.60
O2B FAD F . -19.37 -21.57 -12.68
C1B FAD F . -19.60 -20.49 -14.79
N9A FAD F . -19.75 -21.58 -15.71
C8A FAD F . -18.78 -22.40 -16.35
N7A FAD F . -19.31 -23.32 -17.13
C5A FAD F . -20.69 -23.14 -17.03
C6A FAD F . -21.80 -23.79 -17.60
N6A FAD F . -21.68 -24.82 -18.45
N1A FAD F . -23.08 -23.33 -17.28
C2A FAD F . -23.25 -22.29 -16.42
N3A FAD F . -22.20 -21.59 -15.80
C4A FAD F . -20.94 -22.14 -16.21
N1 FAD F . -6.66 -12.19 -11.42
C2 FAD F . -6.32 -10.96 -10.90
O2 FAD F . -6.60 -9.90 -11.48
N3 FAD F . -5.64 -10.92 -9.68
C4 FAD F . -5.27 -12.04 -8.91
O4 FAD F . -4.65 -11.88 -7.81
C4X FAD F . -5.62 -13.26 -9.45
N5 FAD F . -5.25 -14.42 -8.69
C5X FAD F . -5.61 -15.68 -9.24
C6 FAD F . -5.29 -16.88 -8.55
C7 FAD F . -5.63 -18.18 -9.03
C7M FAD F . -5.24 -19.41 -8.21
C8 FAD F . -6.31 -18.28 -10.29
C8M FAD F . -6.71 -19.60 -10.92
C9 FAD F . -6.65 -17.13 -11.01
C9A FAD F . -6.33 -15.82 -10.52
N10 FAD F . -6.66 -14.55 -11.22
C10 FAD F . -6.32 -13.31 -10.71
C1' FAD F . -7.38 -14.70 -12.46
C2' FAD F . -8.86 -14.40 -12.39
O2' FAD F . -9.37 -15.29 -11.35
C3' FAD F . -9.63 -14.70 -13.65
O3' FAD F . -9.09 -14.01 -14.77
C4' FAD F . -11.11 -14.30 -13.68
O4' FAD F . -11.73 -14.95 -12.54
C5' FAD F . -11.85 -14.77 -14.86
O5' FAD F . -13.20 -14.35 -14.83
P FAD F . -14.25 -14.90 -15.85
O1P FAD F . -15.50 -14.20 -15.56
O2P FAD F . -13.73 -14.86 -17.26
O3P FAD F . -14.30 -16.42 -15.35
C1 COM G . 15.15 8.33 3.36
C2 COM G . 14.40 9.30 2.50
S1 COM G . 16.34 9.19 4.41
S2 COM G . 13.83 8.70 0.90
O1S COM G . 15.01 8.26 0.21
O2S COM G . 12.92 7.60 1.11
O3S COM G . 13.14 9.90 0.35
C1 COM H . -14.71 -10.46 -7.00
C2 COM H . -15.89 -10.95 -7.79
S1 COM H . -14.65 -11.26 -5.38
S2 COM H . -16.54 -9.81 -9.03
O1S COM H . -16.88 -8.62 -8.29
O2S COM H . -15.49 -9.54 -9.99
O3S COM H . -17.67 -10.57 -9.64
#